data_3WAD
#
_entry.id   3WAD
#
_cell.length_a   98.205
_cell.length_b   130.392
_cell.length_c   140.107
_cell.angle_alpha   90.00
_cell.angle_beta   90.00
_cell.angle_gamma   90.00
#
_symmetry.space_group_name_H-M   'I 2 2 2'
#
loop_
_entity.id
_entity.type
_entity.pdbx_description
1 polymer Glycosyltransferase
2 non-polymer 'MAGNESIUM ION'
3 water water
#
_entity_poly.entity_id   1
_entity_poly.type   'polypeptide(L)'
_entity_poly.pdbx_seq_one_letter_code
;MRVLMTVFANRSHLYNMVPLAWALTTAGHEVHIASHPDNVQAISDSGLTAVPVGNDLNIMALAQSTPREEMVNGGALTLN
ETRPEKLTWQYIHDVFAQYSQIYEYMADSTMTADLVAHARQWQPDLVIWDALTYAGPIAAEAVGAPHVRMLFGLDQWGRM
RDHFNRLTGERAADDRHDPLADWLATKGEPHGVAFTESLVTGTTTLAVAPPWMSFPSEQPALSMRHLPFNGPAVLPDWLR
EAPSRPRVCLTLGLTLRELADDNVTLADFVNAVADIDADVVATFSAEQVAEIGDLPDNVRAVDFVPLHALLPSCAAIVHH
GGGGTRTNAIRYGVPQLIVPNWLWDEGYVAERFAERGAALVTEVPDLTPDRLRDQLRRLIAEPSFKAAAEQIQKEYDALP
SLTETVGELVRVAERGRSL
;
_entity_poly.pdbx_strand_id   A,B
#
# COMPACT_ATOMS: atom_id res chain seq x y z
N MET A 1 7.36 12.48 10.52
CA MET A 1 7.05 12.13 11.92
C MET A 1 6.86 10.62 12.15
N ARG A 2 6.91 10.17 13.39
CA ARG A 2 6.54 8.80 13.70
C ARG A 2 5.04 8.72 14.06
N VAL A 3 4.30 7.88 13.33
CA VAL A 3 2.88 7.62 13.58
C VAL A 3 2.64 6.13 14.03
N LEU A 4 2.19 5.96 15.25
CA LEU A 4 1.80 4.67 15.75
C LEU A 4 0.29 4.51 15.57
N MET A 5 -0.09 3.63 14.63
CA MET A 5 -1.47 3.26 14.44
C MET A 5 -1.80 2.00 15.19
N THR A 6 -3.03 1.87 15.71
CA THR A 6 -3.33 0.62 16.39
C THR A 6 -4.78 0.19 16.10
N VAL A 7 -4.95 -1.11 15.95
CA VAL A 7 -6.22 -1.69 15.62
C VAL A 7 -6.25 -3.10 16.26
N PHE A 8 -7.39 -3.46 16.85
CA PHE A 8 -7.60 -4.81 17.33
C PHE A 8 -7.63 -5.81 16.15
N ALA A 9 -7.46 -7.06 16.50
CA ALA A 9 -7.19 -8.09 15.45
C ALA A 9 -8.49 -8.43 14.75
N ASN A 10 -8.86 -7.62 13.77
CA ASN A 10 -9.98 -7.85 12.87
C ASN A 10 -9.56 -7.23 11.54
N ARG A 11 -9.70 -8.00 10.48
CA ARG A 11 -9.21 -7.59 9.21
C ARG A 11 -9.98 -6.41 8.63
N SER A 12 -11.30 -6.41 8.80
CA SER A 12 -12.14 -5.32 8.29
C SER A 12 -11.74 -4.00 8.94
N HIS A 13 -11.50 -4.03 10.25
CA HIS A 13 -11.11 -2.81 10.96
C HIS A 13 -9.69 -2.37 10.54
N LEU A 14 -8.81 -3.31 10.29
CA LEU A 14 -7.51 -2.97 9.70
C LEU A 14 -7.64 -2.32 8.32
N TYR A 15 -8.42 -2.98 7.47
CA TYR A 15 -8.58 -2.51 6.11
C TYR A 15 -9.10 -1.07 6.00
N ASN A 16 -10.00 -0.69 6.92
CA ASN A 16 -10.51 0.64 7.18
C ASN A 16 -9.42 1.71 7.24
N MET A 17 -8.29 1.33 7.84
CA MET A 17 -7.22 2.27 8.06
C MET A 17 -5.99 2.13 7.20
N VAL A 18 -5.95 1.10 6.32
CA VAL A 18 -4.81 0.86 5.40
C VAL A 18 -4.50 2.03 4.41
N PRO A 19 -5.51 2.53 3.67
CA PRO A 19 -5.09 3.63 2.74
C PRO A 19 -4.54 4.87 3.48
N LEU A 20 -5.12 5.23 4.62
CA LEU A 20 -4.56 6.31 5.47
C LEU A 20 -3.12 6.01 5.85
N ALA A 21 -2.86 4.75 6.30
CA ALA A 21 -1.50 4.35 6.64
C ALA A 21 -0.58 4.55 5.44
N TRP A 22 -1.04 4.18 4.28
CA TRP A 22 -0.25 4.43 3.12
C TRP A 22 -0.11 5.94 2.63
N ALA A 23 -1.15 6.74 2.81
CA ALA A 23 -1.06 8.23 2.65
C ALA A 23 0.03 8.79 3.54
N LEU A 24 0.00 8.37 4.80
CA LEU A 24 1.04 8.78 5.68
C LEU A 24 2.41 8.32 5.25
N THR A 25 2.50 7.10 4.71
CA THR A 25 3.76 6.52 4.30
C THR A 25 4.41 7.26 3.17
N THR A 26 3.64 7.50 2.12
CA THR A 26 4.21 8.13 0.92
C THR A 26 4.50 9.64 1.09
N ALA A 27 3.94 10.23 2.14
CA ALA A 27 4.31 11.56 2.61
C ALA A 27 5.59 11.55 3.42
N GLY A 28 6.19 10.39 3.61
CA GLY A 28 7.53 10.30 4.20
C GLY A 28 7.52 10.01 5.68
N HIS A 29 6.35 9.88 6.31
CA HIS A 29 6.34 9.60 7.74
C HIS A 29 6.61 8.12 8.03
N GLU A 30 7.16 7.89 9.23
CA GLU A 30 7.39 6.49 9.71
C GLU A 30 6.09 6.00 10.35
N VAL A 31 5.54 4.92 9.79
CA VAL A 31 4.27 4.40 10.24
C VAL A 31 4.42 2.98 10.82
N HIS A 32 3.99 2.76 12.05
CA HIS A 32 3.86 1.37 12.61
C HIS A 32 2.38 1.04 12.80
N ILE A 33 1.99 -0.21 12.50
CA ILE A 33 0.61 -0.66 12.88
C ILE A 33 0.75 -1.70 13.95
N ALA A 34 0.21 -1.39 15.12
CA ALA A 34 0.22 -2.34 16.22
C ALA A 34 -1.12 -3.04 16.34
N SER A 35 -1.07 -4.37 16.35
CA SER A 35 -2.27 -5.22 16.44
C SER A 35 -1.90 -6.54 17.13
N HIS A 36 -2.89 -7.32 17.58
CA HIS A 36 -2.55 -8.57 18.27
C HIS A 36 -1.81 -9.48 17.29
N PRO A 37 -1.08 -10.48 17.80
CA PRO A 37 -0.27 -11.27 16.82
C PRO A 37 -1.08 -11.98 15.71
N ASP A 38 -2.33 -12.35 15.98
CA ASP A 38 -3.17 -12.98 14.98
C ASP A 38 -3.62 -11.98 13.86
N ASN A 39 -3.10 -10.74 13.89
CA ASN A 39 -3.51 -9.86 12.81
C ASN A 39 -2.27 -9.35 12.10
N VAL A 40 -1.10 -9.80 12.53
CA VAL A 40 0.16 -9.31 11.97
C VAL A 40 0.33 -9.68 10.48
N GLN A 41 -0.10 -10.85 10.12
CA GLN A 41 0.01 -11.28 8.73
C GLN A 41 -0.85 -10.41 7.76
N ALA A 42 -2.07 -10.07 8.14
CA ALA A 42 -2.88 -9.20 7.27
C ALA A 42 -2.22 -7.78 7.12
N ILE A 43 -1.51 -7.32 8.15
CA ILE A 43 -0.87 -6.02 8.13
C ILE A 43 0.27 -6.02 7.19
N SER A 44 1.11 -7.04 7.32
CA SER A 44 2.24 -7.19 6.42
C SER A 44 1.83 -7.52 4.95
N ASP A 45 0.77 -8.30 4.76
CA ASP A 45 0.13 -8.53 3.47
C ASP A 45 -0.61 -7.35 2.83
N SER A 46 -0.79 -6.24 3.56
CA SER A 46 -1.25 -4.95 2.98
C SER A 46 -0.03 -4.03 2.70
N GLY A 47 1.19 -4.59 2.80
CA GLY A 47 2.41 -3.83 2.54
C GLY A 47 2.95 -2.97 3.66
N LEU A 48 2.46 -3.13 4.87
CA LEU A 48 2.86 -2.19 5.94
C LEU A 48 3.65 -2.93 7.00
N THR A 49 4.13 -2.20 7.98
CA THR A 49 5.03 -2.68 9.04
C THR A 49 4.25 -2.91 10.29
N ALA A 50 4.20 -4.17 10.70
CA ALA A 50 3.43 -4.59 11.86
C ALA A 50 4.27 -4.64 13.10
N VAL A 51 3.67 -4.25 14.24
CA VAL A 51 4.23 -4.33 15.56
C VAL A 51 3.27 -5.21 16.33
N PRO A 52 3.69 -6.46 16.66
CA PRO A 52 2.80 -7.32 17.49
C PRO A 52 2.73 -6.82 18.90
N VAL A 53 1.50 -6.82 19.46
CA VAL A 53 1.31 -6.43 20.82
C VAL A 53 0.25 -7.32 21.41
N GLY A 54 0.48 -7.73 22.65
CA GLY A 54 -0.51 -8.55 23.34
C GLY A 54 -0.53 -10.00 22.86
N ASN A 55 -1.53 -10.74 23.34
CA ASN A 55 -1.73 -12.11 22.98
C ASN A 55 -2.76 -12.15 21.86
N ASP A 56 -2.70 -13.21 21.06
CA ASP A 56 -3.76 -13.57 20.13
C ASP A 56 -5.13 -13.28 20.65
N LEU A 57 -5.96 -12.70 19.81
CA LEU A 57 -7.27 -12.29 20.31
C LEU A 57 -8.24 -13.34 19.87
N ASN A 58 -8.07 -13.89 18.65
CA ASN A 58 -9.07 -14.78 18.09
C ASN A 58 -10.51 -14.28 18.22
N ILE A 59 -10.86 -13.09 17.71
CA ILE A 59 -12.20 -12.53 17.97
C ILE A 59 -13.36 -13.33 17.42
N MET A 60 -13.18 -14.03 16.31
CA MET A 60 -14.30 -14.80 15.73
C MET A 60 -15.00 -15.77 16.72
N ALA A 61 -14.23 -16.50 17.54
CA ALA A 61 -14.76 -17.39 18.60
C ALA A 61 -14.83 -16.71 19.98
N ALA A 76 -30.67 -7.10 24.77
CA ALA A 76 -31.58 -5.96 24.91
C ALA A 76 -30.85 -4.61 24.93
N LEU A 77 -29.56 -4.61 25.36
CA LEU A 77 -28.70 -3.40 25.38
C LEU A 77 -27.86 -3.29 24.12
N THR A 78 -28.32 -2.44 23.20
CA THR A 78 -27.62 -2.21 21.95
C THR A 78 -27.18 -0.76 21.82
N LEU A 79 -26.02 -0.61 21.18
CA LEU A 79 -25.42 0.64 20.82
C LEU A 79 -26.22 1.33 19.74
N ASN A 80 -26.89 0.58 18.86
CA ASN A 80 -27.54 1.18 17.71
C ASN A 80 -28.98 1.68 17.99
N GLU A 81 -29.37 1.65 19.26
CA GLU A 81 -30.68 2.15 19.69
C GLU A 81 -30.80 3.67 19.46
N THR A 82 -31.75 4.08 18.62
CA THR A 82 -31.99 5.53 18.39
C THR A 82 -33.42 6.06 18.76
N ARG A 83 -34.27 5.25 19.35
CA ARG A 83 -35.58 5.74 19.79
C ARG A 83 -35.49 6.53 21.09
N PRO A 84 -35.92 7.82 21.08
CA PRO A 84 -35.60 8.73 22.20
C PRO A 84 -36.25 8.34 23.51
N GLU A 85 -37.33 7.55 23.42
CA GLU A 85 -38.05 6.99 24.58
CA GLU A 85 -38.02 7.04 24.61
C GLU A 85 -37.20 5.93 25.28
N LYS A 86 -36.33 5.29 24.51
CA LYS A 86 -35.40 4.29 25.02
C LYS A 86 -34.12 4.91 25.57
N LEU A 87 -33.78 6.13 25.17
CA LEU A 87 -32.44 6.66 25.48
C LEU A 87 -32.35 7.38 26.82
N THR A 88 -32.62 6.62 27.89
CA THR A 88 -32.59 7.11 29.27
C THR A 88 -31.16 7.00 29.85
N TRP A 89 -30.87 7.79 30.86
CA TRP A 89 -29.54 7.72 31.42
C TRP A 89 -29.22 6.27 31.83
N GLN A 90 -30.22 5.53 32.35
CA GLN A 90 -29.97 4.19 32.86
C GLN A 90 -29.69 3.24 31.69
N TYR A 91 -30.46 3.39 30.61
CA TYR A 91 -30.20 2.57 29.46
C TYR A 91 -28.76 2.77 28.92
N ILE A 92 -28.41 4.03 28.69
CA ILE A 92 -27.11 4.34 28.14
C ILE A 92 -26.03 3.94 29.14
N HIS A 93 -26.29 4.14 30.43
CA HIS A 93 -25.37 3.74 31.51
C HIS A 93 -25.07 2.22 31.38
N ASP A 94 -26.13 1.42 31.27
CA ASP A 94 -25.98 -0.02 31.16
C ASP A 94 -25.33 -0.44 29.83
N VAL A 95 -25.64 0.28 28.73
CA VAL A 95 -24.92 0.04 27.47
C VAL A 95 -23.43 0.24 27.69
N PHE A 96 -23.05 1.37 28.27
CA PHE A 96 -21.62 1.61 28.55
C PHE A 96 -21.02 0.57 29.54
N ALA A 97 -21.82 0.02 30.45
CA ALA A 97 -21.30 -0.98 31.37
C ALA A 97 -21.00 -2.25 30.58
N GLN A 98 -21.93 -2.69 29.72
CA GLN A 98 -21.72 -3.88 28.90
C GLN A 98 -20.60 -3.69 27.84
N TYR A 99 -20.64 -2.62 27.03
CA TYR A 99 -19.55 -2.47 26.02
C TYR A 99 -18.15 -2.19 26.53
N SER A 100 -18.00 -1.55 27.66
CA SER A 100 -16.68 -1.37 28.23
C SER A 100 -15.97 -2.72 28.50
N GLN A 101 -16.74 -3.73 28.93
CA GLN A 101 -16.20 -5.11 29.08
C GLN A 101 -15.83 -5.70 27.75
N ILE A 102 -16.70 -5.60 26.77
CA ILE A 102 -16.36 -6.08 25.44
C ILE A 102 -15.07 -5.41 24.86
N TYR A 103 -15.02 -4.07 24.87
CA TYR A 103 -13.84 -3.33 24.38
C TYR A 103 -12.61 -3.60 25.21
N GLU A 104 -12.76 -3.81 26.51
CA GLU A 104 -11.56 -4.14 27.34
C GLU A 104 -10.99 -5.47 26.83
N TYR A 105 -11.90 -6.42 26.65
CA TYR A 105 -11.48 -7.71 26.10
C TYR A 105 -10.69 -7.59 24.79
N MET A 106 -11.13 -6.71 23.89
CA MET A 106 -10.53 -6.55 22.53
C MET A 106 -9.26 -5.79 22.57
N ALA A 107 -8.99 -5.06 23.64
CA ALA A 107 -7.61 -4.51 23.76
C ALA A 107 -7.17 -4.57 25.24
N ASP A 108 -6.78 -5.79 25.67
CA ASP A 108 -6.20 -6.17 26.97
C ASP A 108 -5.32 -5.29 27.82
N SER A 109 -5.18 -5.65 29.11
CA SER A 109 -4.11 -5.03 29.93
C SER A 109 -2.72 -5.45 29.40
N THR A 110 -2.62 -6.67 28.87
CA THR A 110 -1.37 -7.07 28.16
C THR A 110 -1.16 -6.35 26.83
N MET A 111 -2.09 -6.50 25.90
CA MET A 111 -2.07 -5.65 24.69
C MET A 111 -1.80 -4.15 25.04
N THR A 112 -2.54 -3.58 25.97
CA THR A 112 -2.34 -2.15 26.40
C THR A 112 -0.92 -1.94 26.96
N ALA A 113 -0.47 -2.82 27.88
CA ALA A 113 0.93 -2.69 28.38
C ALA A 113 2.00 -2.83 27.27
N ASP A 114 1.80 -3.74 26.29
CA ASP A 114 2.80 -3.85 25.23
C ASP A 114 2.81 -2.61 24.31
N LEU A 115 1.64 -2.06 24.04
CA LEU A 115 1.55 -0.89 23.16
C LEU A 115 2.09 0.36 23.91
N VAL A 116 1.83 0.44 25.20
CA VAL A 116 2.44 1.53 25.99
C VAL A 116 3.98 1.48 26.00
N ALA A 117 4.51 0.26 26.11
CA ALA A 117 5.96 0.08 26.19
C ALA A 117 6.60 0.41 24.85
N HIS A 118 6.02 -0.10 23.74
CA HIS A 118 6.42 0.33 22.41
C HIS A 118 6.41 1.88 22.22
N ALA A 119 5.31 2.53 22.64
CA ALA A 119 5.22 4.00 22.54
C ALA A 119 6.34 4.67 23.35
N ARG A 120 6.58 4.20 24.56
CA ARG A 120 7.63 4.75 25.42
C ARG A 120 8.97 4.69 24.73
N GLN A 121 9.33 3.52 24.18
CA GLN A 121 10.54 3.39 23.37
C GLN A 121 10.55 4.16 22.02
N TRP A 122 9.49 4.09 21.24
CA TRP A 122 9.58 4.58 19.85
C TRP A 122 9.24 6.06 19.72
N GLN A 123 8.57 6.59 20.75
CA GLN A 123 8.22 8.05 20.81
C GLN A 123 7.44 8.50 19.60
N PRO A 124 6.24 7.88 19.39
CA PRO A 124 5.50 8.43 18.25
C PRO A 124 5.08 9.94 18.53
N ASP A 125 5.09 10.75 17.49
CA ASP A 125 4.50 12.10 17.47
C ASP A 125 2.93 12.17 17.52
N LEU A 126 2.32 11.10 16.98
CA LEU A 126 0.87 10.97 16.78
C LEU A 126 0.50 9.46 16.89
N VAL A 127 -0.60 9.19 17.56
CA VAL A 127 -1.19 7.86 17.69
C VAL A 127 -2.55 7.99 16.95
N ILE A 128 -2.80 7.08 16.02
CA ILE A 128 -4.13 6.93 15.43
C ILE A 128 -4.70 5.55 15.83
N TRP A 129 -5.84 5.52 16.50
CA TRP A 129 -6.42 4.27 16.98
C TRP A 129 -7.78 4.05 16.38
N ASP A 130 -7.94 2.86 15.80
CA ASP A 130 -9.28 2.38 15.42
C ASP A 130 -10.23 2.57 16.58
N ALA A 131 -11.48 2.98 16.28
CA ALA A 131 -12.44 3.51 17.33
C ALA A 131 -12.85 2.47 18.37
N LEU A 132 -12.61 1.16 18.07
CA LEU A 132 -12.83 0.08 19.05
C LEU A 132 -11.62 -0.43 19.79
N THR A 133 -10.48 0.27 19.65
CA THR A 133 -9.20 -0.18 20.13
C THR A 133 -8.65 0.73 21.25
N TYR A 134 -9.11 0.51 22.47
CA TYR A 134 -8.89 1.47 23.54
C TYR A 134 -7.49 1.47 24.23
N ALA A 135 -6.62 0.60 23.80
CA ALA A 135 -5.22 0.65 24.18
C ALA A 135 -4.56 1.94 23.59
N GLY A 136 -5.01 2.38 22.42
CA GLY A 136 -4.45 3.58 21.76
C GLY A 136 -4.34 4.85 22.60
N PRO A 137 -5.47 5.33 23.19
CA PRO A 137 -5.33 6.63 23.86
C PRO A 137 -4.54 6.50 25.13
N ILE A 138 -4.51 5.31 25.71
CA ILE A 138 -3.69 5.11 26.88
C ILE A 138 -2.23 5.22 26.50
N ALA A 139 -1.86 4.63 25.35
CA ALA A 139 -0.46 4.66 24.98
C ALA A 139 -0.10 6.09 24.64
N ALA A 140 -1.02 6.79 23.94
CA ALA A 140 -0.80 8.17 23.54
C ALA A 140 -0.66 9.09 24.74
N GLU A 141 -1.57 8.99 25.70
CA GLU A 141 -1.43 9.83 26.90
C GLU A 141 -0.21 9.47 27.73
N ALA A 142 0.28 8.24 27.65
CA ALA A 142 1.42 7.83 28.45
C ALA A 142 2.67 8.55 28.02
N VAL A 143 2.71 8.98 26.77
CA VAL A 143 3.92 9.61 26.26
C VAL A 143 3.59 11.05 25.91
N GLY A 144 2.37 11.47 26.26
CA GLY A 144 1.90 12.79 26.00
C GLY A 144 1.75 13.19 24.53
N ALA A 145 1.53 12.22 23.64
CA ALA A 145 1.32 12.50 22.24
C ALA A 145 -0.17 12.68 22.00
N PRO A 146 -0.55 13.57 21.05
CA PRO A 146 -1.96 13.60 20.72
C PRO A 146 -2.41 12.37 19.90
N HIS A 147 -3.72 12.13 19.87
CA HIS A 147 -4.22 10.92 19.19
C HIS A 147 -5.54 11.16 18.56
N VAL A 148 -5.75 10.55 17.38
CA VAL A 148 -6.94 10.66 16.64
C VAL A 148 -7.67 9.31 16.67
N ARG A 149 -8.95 9.37 17.06
CA ARG A 149 -9.84 8.22 17.05
C ARG A 149 -10.39 8.08 15.66
N MET A 150 -10.17 6.92 15.01
CA MET A 150 -10.54 6.80 13.64
C MET A 150 -11.75 5.94 13.63
N LEU A 151 -12.86 6.47 13.09
CA LEU A 151 -14.15 5.75 12.98
C LEU A 151 -14.08 4.71 11.84
N PHE A 152 -15.00 3.73 11.83
CA PHE A 152 -14.99 2.65 10.77
C PHE A 152 -16.40 2.62 10.27
N GLY A 153 -17.22 3.53 10.75
CA GLY A 153 -18.59 3.76 10.25
C GLY A 153 -19.13 4.96 11.02
N LEU A 154 -20.43 5.01 11.22
CA LEU A 154 -21.01 6.16 12.00
C LEU A 154 -20.59 6.09 13.46
N ASP A 155 -20.54 7.24 14.12
CA ASP A 155 -20.09 7.34 15.51
C ASP A 155 -21.20 7.00 16.54
N GLN A 156 -21.53 5.72 16.64
CA GLN A 156 -22.60 5.30 17.54
C GLN A 156 -22.21 5.66 18.97
N TRP A 157 -20.92 5.59 19.22
CA TRP A 157 -20.45 5.64 20.55
C TRP A 157 -20.43 7.12 21.02
N GLY A 158 -19.92 8.01 20.19
CA GLY A 158 -20.02 9.48 20.28
C GLY A 158 -21.46 9.95 20.43
N ARG A 159 -22.38 9.42 19.62
CA ARG A 159 -23.83 9.73 19.71
C ARG A 159 -24.38 9.42 21.11
N MET A 160 -24.22 8.16 21.55
CA MET A 160 -24.58 7.78 22.90
C MET A 160 -23.87 8.63 23.98
N ARG A 161 -22.55 8.84 23.84
CA ARG A 161 -21.79 9.58 24.86
C ARG A 161 -22.26 11.01 25.00
N ASP A 162 -22.59 11.66 23.89
CA ASP A 162 -23.16 13.05 23.96
C ASP A 162 -24.40 13.11 24.90
N HIS A 163 -25.40 12.26 24.65
CA HIS A 163 -26.60 12.11 25.48
C HIS A 163 -26.26 11.80 26.92
N PHE A 164 -25.32 10.87 27.12
CA PHE A 164 -24.96 10.46 28.42
C PHE A 164 -24.35 11.58 29.22
N ASN A 165 -23.41 12.31 28.64
CA ASN A 165 -22.70 13.29 29.37
C ASN A 165 -23.69 14.41 29.78
N ARG A 166 -24.66 14.67 28.92
CA ARG A 166 -25.63 15.71 29.19
C ARG A 166 -26.61 15.23 30.26
N LEU A 167 -27.18 14.04 30.07
CA LEU A 167 -28.07 13.43 31.04
C LEU A 167 -27.40 13.28 32.43
N THR A 168 -26.10 13.03 32.44
CA THR A 168 -25.31 12.90 33.71
C THR A 168 -25.22 14.24 34.42
N GLY A 169 -25.11 15.30 33.63
CA GLY A 169 -24.97 16.65 34.17
C GLY A 169 -26.12 17.08 35.07
N GLU A 170 -27.33 16.67 34.67
CA GLU A 170 -28.56 16.98 35.38
C GLU A 170 -28.91 16.01 36.51
N ARG A 171 -28.10 14.98 36.71
CA ARG A 171 -28.23 14.18 37.90
C ARG A 171 -27.64 14.86 39.14
N ALA A 172 -28.29 14.61 40.28
CA ALA A 172 -27.70 14.86 41.60
C ALA A 172 -26.24 14.35 41.62
N ALA A 173 -25.27 15.23 41.98
CA ALA A 173 -23.82 14.90 41.91
C ALA A 173 -23.49 13.52 42.45
N ASP A 174 -24.23 13.06 43.43
CA ASP A 174 -23.90 11.78 44.03
C ASP A 174 -24.35 10.60 43.14
N ASP A 175 -25.17 10.91 42.12
CA ASP A 175 -25.77 9.91 41.20
C ASP A 175 -25.23 9.97 39.79
N ARG A 176 -23.97 10.30 39.65
CA ARG A 176 -23.39 10.53 38.31
C ARG A 176 -22.34 9.48 37.99
N HIS A 177 -22.67 8.23 38.24
CA HIS A 177 -21.75 7.15 37.99
C HIS A 177 -21.47 6.94 36.48
N ASP A 178 -20.20 6.92 36.12
CA ASP A 178 -19.78 6.83 34.74
C ASP A 178 -18.93 5.57 34.47
N PRO A 179 -19.55 4.56 33.85
CA PRO A 179 -18.80 3.32 33.67
C PRO A 179 -17.58 3.52 32.74
N LEU A 180 -17.66 4.46 31.81
CA LEU A 180 -16.51 4.72 30.96
C LEU A 180 -15.37 5.36 31.73
N ALA A 181 -15.67 6.33 32.61
CA ALA A 181 -14.61 6.97 33.45
C ALA A 181 -13.91 5.97 34.40
N ASP A 182 -14.72 5.16 35.08
CA ASP A 182 -14.25 4.04 35.91
C ASP A 182 -13.34 3.10 35.08
N TRP A 183 -13.80 2.69 33.90
CA TRP A 183 -13.05 1.68 33.13
C TRP A 183 -11.70 2.25 32.66
N LEU A 184 -11.75 3.43 32.04
CA LEU A 184 -10.53 3.98 31.47
C LEU A 184 -9.59 4.49 32.54
N ALA A 185 -10.13 4.99 33.66
CA ALA A 185 -9.29 5.30 34.83
C ALA A 185 -8.52 4.03 35.26
N THR A 186 -9.21 2.88 35.36
CA THR A 186 -8.59 1.63 35.77
C THR A 186 -7.55 1.21 34.72
N LYS A 187 -7.94 1.31 33.45
CA LYS A 187 -7.04 0.98 32.34
C LYS A 187 -5.70 1.80 32.34
N GLY A 188 -5.76 3.10 32.67
CA GLY A 188 -4.59 3.97 32.57
C GLY A 188 -3.71 3.99 33.80
N GLU A 189 -4.30 3.62 34.93
CA GLU A 189 -3.63 3.77 36.19
C GLU A 189 -2.26 3.06 36.27
N PRO A 190 -2.12 1.80 35.75
CA PRO A 190 -0.79 1.21 35.75
C PRO A 190 0.26 2.00 34.95
N HIS A 191 -0.16 2.88 34.07
CA HIS A 191 0.78 3.58 33.19
C HIS A 191 0.78 5.05 33.54
N GLY A 192 0.09 5.41 34.64
CA GLY A 192 0.13 6.79 35.15
C GLY A 192 -0.68 7.74 34.30
N VAL A 193 -1.76 7.24 33.71
CA VAL A 193 -2.67 8.01 32.86
C VAL A 193 -3.92 8.21 33.68
N ALA A 194 -4.22 9.47 33.99
CA ALA A 194 -5.38 9.87 34.79
C ALA A 194 -6.54 9.89 33.81
N PHE A 195 -7.77 9.72 34.26
CA PHE A 195 -8.87 9.84 33.35
C PHE A 195 -9.08 11.26 32.82
N THR A 196 -9.33 11.44 31.53
CA THR A 196 -9.89 12.70 31.01
C THR A 196 -10.75 12.27 29.82
N GLU A 197 -11.80 13.03 29.47
CA GLU A 197 -12.72 12.69 28.36
C GLU A 197 -12.00 12.47 27.02
N SER A 198 -10.80 13.01 26.86
CA SER A 198 -10.09 12.75 25.57
C SER A 198 -9.75 11.24 25.43
N LEU A 199 -9.65 10.52 26.56
CA LEU A 199 -9.51 9.07 26.51
C LEU A 199 -10.71 8.37 25.88
N VAL A 200 -11.90 8.95 25.97
CA VAL A 200 -13.13 8.34 25.47
C VAL A 200 -13.22 8.58 23.96
N THR A 201 -12.87 9.80 23.48
CA THR A 201 -13.20 10.17 22.08
C THR A 201 -12.05 10.71 21.24
N GLY A 202 -10.89 10.76 21.85
CA GLY A 202 -9.69 11.08 21.11
C GLY A 202 -9.37 12.55 21.31
N THR A 203 -8.16 12.97 20.95
CA THR A 203 -7.83 14.41 20.85
C THR A 203 -8.67 14.99 19.74
N THR A 204 -8.85 14.25 18.66
CA THR A 204 -9.86 14.57 17.68
C THR A 204 -10.35 13.24 17.03
N THR A 205 -11.36 13.29 16.16
CA THR A 205 -11.94 12.04 15.53
C THR A 205 -11.82 12.18 14.04
N LEU A 206 -11.47 11.08 13.33
CA LEU A 206 -11.48 11.08 11.91
C LEU A 206 -12.66 10.22 11.40
N ALA A 207 -13.49 10.78 10.51
CA ALA A 207 -14.71 10.14 10.07
C ALA A 207 -14.43 9.53 8.72
N VAL A 208 -15.05 8.40 8.44
CA VAL A 208 -14.95 7.78 7.16
C VAL A 208 -16.28 7.88 6.39
N ALA A 209 -17.41 8.08 7.10
CA ALA A 209 -18.71 8.19 6.38
C ALA A 209 -18.90 9.67 5.98
N PRO A 210 -19.59 9.93 4.83
CA PRO A 210 -19.85 11.38 4.42
C PRO A 210 -20.72 12.08 5.46
N PRO A 211 -20.52 13.42 5.68
CA PRO A 211 -21.34 14.19 6.66
C PRO A 211 -22.84 14.02 6.41
N TRP A 212 -23.26 13.77 5.18
CA TRP A 212 -24.72 13.68 4.92
C TRP A 212 -25.42 12.48 5.57
N MET A 213 -24.66 11.45 5.94
CA MET A 213 -25.28 10.28 6.54
C MET A 213 -24.93 10.22 8.01
N SER A 214 -24.19 11.20 8.48
CA SER A 214 -23.60 11.11 9.82
C SER A 214 -24.52 11.53 10.93
N PHE A 215 -24.24 11.10 12.14
CA PHE A 215 -24.97 11.60 13.30
C PHE A 215 -24.52 13.03 13.63
N PRO A 216 -25.42 13.84 14.24
CA PRO A 216 -25.01 15.15 14.79
C PRO A 216 -24.02 14.88 15.91
N SER A 217 -22.95 15.65 16.00
CA SER A 217 -22.03 15.36 17.02
C SER A 217 -21.86 16.69 17.69
N GLU A 218 -21.65 16.67 19.00
CA GLU A 218 -21.23 17.89 19.66
C GLU A 218 -19.84 18.33 19.32
N GLN A 219 -18.99 17.44 18.81
CA GLN A 219 -17.61 17.78 18.47
C GLN A 219 -17.45 17.74 16.99
N PRO A 220 -16.61 18.62 16.43
CA PRO A 220 -16.20 18.46 15.04
C PRO A 220 -15.40 17.13 14.78
N ALA A 221 -15.48 16.57 13.59
CA ALA A 221 -14.63 15.43 13.21
C ALA A 221 -13.98 15.86 11.93
N LEU A 222 -12.78 15.38 11.64
CA LEU A 222 -12.21 15.64 10.36
C LEU A 222 -13.04 14.80 9.42
N SER A 223 -13.38 15.33 8.25
CA SER A 223 -14.02 14.43 7.32
C SER A 223 -13.08 14.07 6.22
N MET A 224 -13.45 13.12 5.39
CA MET A 224 -12.44 12.50 4.52
C MET A 224 -13.09 11.81 3.40
N ARG A 225 -12.50 11.94 2.23
CA ARG A 225 -12.97 11.19 1.09
C ARG A 225 -12.46 9.70 1.15
N HIS A 226 -13.17 8.90 1.96
CA HIS A 226 -12.74 7.54 2.38
C HIS A 226 -12.48 6.63 1.22
N LEU A 227 -11.25 6.09 1.23
CA LEU A 227 -10.82 5.05 0.30
C LEU A 227 -11.07 3.62 0.91
N PRO A 228 -11.93 2.80 0.26
CA PRO A 228 -12.26 1.48 0.79
C PRO A 228 -11.18 0.48 0.36
N PHE A 229 -10.59 -0.30 1.25
CA PHE A 229 -9.58 -1.28 0.82
C PHE A 229 -10.13 -2.60 1.27
N ASN A 230 -9.94 -3.68 0.54
CA ASN A 230 -10.44 -4.99 1.05
C ASN A 230 -9.42 -6.10 0.82
N GLY A 231 -8.15 -5.78 1.03
CA GLY A 231 -7.12 -6.82 0.97
C GLY A 231 -6.80 -7.16 -0.46
N PRO A 232 -6.26 -8.37 -0.70
CA PRO A 232 -5.79 -8.76 -2.03
C PRO A 232 -6.79 -8.56 -3.14
N ALA A 233 -6.35 -8.06 -4.29
CA ALA A 233 -7.31 -7.78 -5.37
C ALA A 233 -6.72 -8.16 -6.73
N VAL A 234 -7.23 -9.20 -7.37
CA VAL A 234 -6.71 -9.55 -8.71
C VAL A 234 -7.87 -9.50 -9.70
N LEU A 235 -7.70 -8.75 -10.77
CA LEU A 235 -8.73 -8.67 -11.78
C LEU A 235 -8.81 -9.99 -12.54
N PRO A 236 -9.98 -10.69 -12.55
CA PRO A 236 -10.00 -11.94 -13.32
C PRO A 236 -10.26 -11.65 -14.79
N ASP A 237 -9.94 -12.60 -15.66
CA ASP A 237 -10.04 -12.38 -17.11
C ASP A 237 -11.46 -12.20 -17.60
N TRP A 238 -12.36 -12.93 -16.96
CA TRP A 238 -13.75 -12.77 -17.30
C TRP A 238 -14.15 -11.33 -17.17
N LEU A 239 -13.41 -10.54 -16.36
CA LEU A 239 -13.75 -9.09 -16.18
C LEU A 239 -13.22 -8.12 -17.20
N ARG A 240 -12.38 -8.54 -18.13
CA ARG A 240 -11.88 -7.54 -19.06
C ARG A 240 -12.80 -7.24 -20.26
N GLU A 241 -13.82 -8.07 -20.52
CA GLU A 241 -14.79 -7.74 -21.58
C GLU A 241 -15.61 -6.56 -21.14
N ALA A 242 -15.94 -5.73 -22.11
CA ALA A 242 -17.07 -4.82 -22.01
C ALA A 242 -18.28 -5.69 -21.64
N PRO A 243 -19.15 -5.16 -20.75
CA PRO A 243 -20.34 -5.93 -20.49
C PRO A 243 -21.25 -5.84 -21.74
N SER A 244 -22.24 -6.75 -21.86
CA SER A 244 -23.24 -6.64 -22.94
C SER A 244 -24.66 -6.32 -22.47
N ARG A 245 -24.79 -5.64 -21.33
CA ARG A 245 -26.07 -5.22 -20.69
C ARG A 245 -25.82 -5.08 -19.19
N PRO A 246 -26.72 -4.35 -18.46
CA PRO A 246 -26.54 -4.22 -17.03
C PRO A 246 -25.93 -5.45 -16.36
N ARG A 247 -24.94 -5.16 -15.55
CA ARG A 247 -24.38 -6.12 -14.66
C ARG A 247 -24.85 -5.81 -13.24
N VAL A 248 -25.19 -6.86 -12.49
CA VAL A 248 -25.57 -6.74 -11.10
C VAL A 248 -24.56 -7.50 -10.23
N CYS A 249 -24.24 -6.92 -9.07
CA CYS A 249 -23.40 -7.62 -8.14
C CYS A 249 -24.21 -8.05 -6.89
N LEU A 250 -24.21 -9.35 -6.66
CA LEU A 250 -24.87 -10.00 -5.54
C LEU A 250 -23.87 -10.51 -4.45
N THR A 251 -23.76 -9.80 -3.32
CA THR A 251 -22.90 -10.20 -2.19
C THR A 251 -23.76 -10.35 -0.94
N LEU A 252 -24.57 -11.40 -0.92
CA LEU A 252 -25.49 -11.68 0.17
C LEU A 252 -25.33 -13.12 0.65
N GLY A 253 -24.22 -13.76 0.29
CA GLY A 253 -23.97 -15.16 0.65
C GLY A 253 -24.22 -15.43 2.11
N LEU A 254 -23.64 -14.60 3.01
CA LEU A 254 -23.80 -14.80 4.47
C LEU A 254 -25.24 -14.66 4.98
N THR A 255 -25.96 -13.71 4.39
CA THR A 255 -27.31 -13.39 4.79
C THR A 255 -28.27 -14.51 4.34
N LEU A 256 -28.21 -14.87 3.06
CA LEU A 256 -28.98 -15.99 2.53
C LEU A 256 -28.66 -17.34 3.25
N ARG A 257 -27.41 -17.50 3.74
CA ARG A 257 -26.94 -18.67 4.50
C ARG A 257 -27.71 -18.80 5.81
N GLU A 258 -27.69 -17.75 6.64
CA GLU A 258 -28.46 -17.74 7.88
C GLU A 258 -29.97 -17.65 7.59
N LEU A 259 -30.35 -17.64 6.32
CA LEU A 259 -31.77 -17.53 5.97
C LEU A 259 -32.13 -18.36 4.73
N ASN A 263 -38.83 -24.38 2.87
CA ASN A 263 -39.76 -23.50 2.18
C ASN A 263 -39.12 -22.77 0.98
N VAL A 264 -38.24 -21.81 1.29
CA VAL A 264 -37.43 -21.18 0.24
C VAL A 264 -35.98 -21.66 0.36
N THR A 265 -35.44 -22.08 -0.77
CA THR A 265 -34.09 -22.62 -0.86
C THR A 265 -33.20 -21.49 -1.41
N LEU A 266 -31.90 -21.58 -1.11
CA LEU A 266 -30.93 -20.69 -1.72
C LEU A 266 -31.20 -20.51 -3.21
N ALA A 267 -31.42 -21.64 -3.90
CA ALA A 267 -31.78 -21.64 -5.33
C ALA A 267 -33.06 -20.91 -5.64
N ASP A 268 -33.96 -20.84 -4.66
CA ASP A 268 -35.18 -20.04 -4.79
C ASP A 268 -34.81 -18.55 -4.92
N PHE A 269 -34.02 -18.07 -3.96
CA PHE A 269 -33.46 -16.71 -4.00
C PHE A 269 -32.66 -16.47 -5.26
N VAL A 270 -31.70 -17.34 -5.55
CA VAL A 270 -30.80 -17.17 -6.70
C VAL A 270 -31.62 -17.07 -7.95
N ASN A 271 -32.60 -17.94 -8.05
CA ASN A 271 -33.43 -18.00 -9.24
C ASN A 271 -34.27 -16.76 -9.49
N ALA A 272 -34.77 -16.13 -8.40
CA ALA A 272 -35.61 -14.92 -8.50
C ALA A 272 -34.73 -13.70 -8.75
N VAL A 273 -33.70 -13.50 -7.92
CA VAL A 273 -32.71 -12.40 -8.12
C VAL A 273 -32.20 -12.38 -9.57
N ALA A 274 -31.96 -13.57 -10.15
CA ALA A 274 -31.45 -13.72 -11.52
C ALA A 274 -32.50 -13.47 -12.60
N ASP A 275 -33.77 -13.62 -12.21
CA ASP A 275 -34.92 -13.38 -13.10
C ASP A 275 -35.08 -11.89 -13.56
N ILE A 276 -33.99 -11.30 -14.05
CA ILE A 276 -33.99 -9.89 -14.45
C ILE A 276 -33.27 -9.77 -15.76
N ASP A 277 -33.39 -8.62 -16.39
CA ASP A 277 -32.67 -8.34 -17.65
C ASP A 277 -31.27 -7.79 -17.40
N ALA A 278 -30.43 -8.68 -16.89
CA ALA A 278 -29.05 -8.37 -16.59
C ALA A 278 -28.28 -9.64 -16.26
N ASP A 279 -26.95 -9.50 -16.25
CA ASP A 279 -25.99 -10.49 -15.75
C ASP A 279 -25.68 -10.35 -14.25
N VAL A 280 -25.79 -11.46 -13.54
CA VAL A 280 -25.46 -11.44 -12.13
C VAL A 280 -24.11 -12.05 -11.90
N VAL A 281 -23.32 -11.32 -11.12
CA VAL A 281 -22.11 -11.79 -10.54
C VAL A 281 -22.41 -11.94 -9.07
N ALA A 282 -22.25 -13.14 -8.54
CA ALA A 282 -22.65 -13.44 -7.18
C ALA A 282 -21.48 -14.04 -6.41
N THR A 283 -21.23 -13.60 -5.19
CA THR A 283 -20.20 -14.23 -4.43
C THR A 283 -20.86 -15.25 -3.50
N PHE A 284 -20.40 -16.49 -3.62
CA PHE A 284 -21.00 -17.63 -2.94
C PHE A 284 -19.84 -18.54 -2.56
N SER A 285 -19.88 -19.12 -1.37
CA SER A 285 -18.99 -20.28 -1.01
C SER A 285 -19.15 -21.45 -1.99
N ALA A 286 -18.13 -22.32 -2.03
CA ALA A 286 -18.23 -23.55 -2.84
C ALA A 286 -19.40 -24.44 -2.34
N GLU A 287 -19.50 -24.59 -1.01
CA GLU A 287 -20.61 -25.28 -0.33
C GLU A 287 -21.99 -24.76 -0.78
N GLN A 288 -22.14 -23.43 -0.80
CA GLN A 288 -23.31 -22.78 -1.40
C GLN A 288 -23.51 -23.04 -2.91
N VAL A 289 -22.45 -23.00 -3.72
CA VAL A 289 -22.65 -23.19 -5.17
C VAL A 289 -23.21 -24.59 -5.47
N ALA A 290 -22.71 -25.57 -4.70
CA ALA A 290 -22.99 -26.97 -4.95
C ALA A 290 -24.41 -27.29 -4.53
N GLU A 291 -24.73 -26.96 -3.28
CA GLU A 291 -26.10 -27.10 -2.82
C GLU A 291 -27.11 -26.01 -3.24
N ILE A 292 -26.76 -25.08 -4.14
CA ILE A 292 -27.83 -24.28 -4.80
C ILE A 292 -28.19 -25.01 -6.09
N GLY A 293 -27.31 -25.91 -6.50
CA GLY A 293 -27.51 -26.71 -7.71
C GLY A 293 -27.16 -25.96 -8.98
N ASP A 294 -27.59 -26.49 -10.12
CA ASP A 294 -27.36 -25.87 -11.42
C ASP A 294 -27.72 -24.39 -11.34
N LEU A 295 -26.88 -23.54 -11.94
CA LEU A 295 -27.07 -22.09 -11.95
C LEU A 295 -27.79 -21.66 -13.20
N PRO A 296 -28.59 -20.56 -13.10
CA PRO A 296 -29.20 -19.96 -14.29
C PRO A 296 -28.10 -19.49 -15.22
N ASP A 297 -28.41 -19.36 -16.51
CA ASP A 297 -27.45 -18.92 -17.53
C ASP A 297 -26.68 -17.65 -17.15
N ASN A 298 -27.45 -16.59 -16.88
CA ASN A 298 -26.97 -15.24 -16.57
C ASN A 298 -26.37 -15.01 -15.14
N VAL A 299 -26.02 -16.08 -14.42
CA VAL A 299 -25.40 -15.93 -13.10
C VAL A 299 -23.98 -16.55 -13.14
N ARG A 300 -23.00 -15.86 -12.54
CA ARG A 300 -21.66 -16.39 -12.44
C ARG A 300 -21.32 -16.38 -10.99
N ALA A 301 -21.19 -17.57 -10.42
CA ALA A 301 -20.78 -17.71 -9.05
C ALA A 301 -19.28 -17.57 -8.96
N VAL A 302 -18.79 -17.03 -7.85
CA VAL A 302 -17.42 -16.61 -7.69
C VAL A 302 -17.13 -16.59 -6.17
N ASP A 303 -15.92 -16.96 -5.80
CA ASP A 303 -15.40 -16.84 -4.41
C ASP A 303 -15.39 -15.42 -3.88
N PHE A 304 -14.82 -14.54 -4.71
CA PHE A 304 -14.58 -13.19 -4.31
C PHE A 304 -14.38 -12.45 -5.61
N VAL A 305 -14.62 -11.15 -5.62
CA VAL A 305 -14.22 -10.33 -6.78
C VAL A 305 -13.81 -8.98 -6.20
N PRO A 306 -12.73 -8.35 -6.68
CA PRO A 306 -12.53 -6.97 -6.09
C PRO A 306 -13.64 -6.01 -6.53
N LEU A 307 -14.30 -5.39 -5.55
CA LEU A 307 -15.48 -4.61 -5.79
C LEU A 307 -15.14 -3.37 -6.57
N HIS A 308 -14.00 -2.77 -6.22
CA HIS A 308 -13.59 -1.54 -6.89
C HIS A 308 -13.32 -1.73 -8.43
N ALA A 309 -13.11 -2.95 -8.89
CA ALA A 309 -12.94 -3.22 -10.32
C ALA A 309 -14.21 -3.72 -10.99
N LEU A 310 -15.10 -4.37 -10.22
CA LEU A 310 -16.38 -4.80 -10.80
C LEU A 310 -17.41 -3.64 -10.92
N LEU A 311 -17.52 -2.82 -9.89
CA LEU A 311 -18.63 -1.86 -9.79
C LEU A 311 -18.78 -0.83 -10.90
N PRO A 312 -17.65 -0.37 -11.51
CA PRO A 312 -17.74 0.55 -12.68
C PRO A 312 -18.62 0.06 -13.78
N SER A 313 -18.85 -1.25 -13.87
CA SER A 313 -19.70 -1.76 -14.94
C SER A 313 -21.05 -2.27 -14.45
N CYS A 314 -21.40 -1.96 -13.20
CA CYS A 314 -22.60 -2.48 -12.54
C CYS A 314 -23.74 -1.45 -12.38
N ALA A 315 -24.95 -1.94 -12.48
CA ALA A 315 -26.13 -1.12 -12.45
C ALA A 315 -26.71 -1.12 -11.04
N ALA A 316 -26.31 -2.11 -10.24
CA ALA A 316 -26.87 -2.34 -8.94
C ALA A 316 -25.95 -3.25 -8.18
N ILE A 317 -25.80 -2.97 -6.89
CA ILE A 317 -25.27 -3.89 -5.93
C ILE A 317 -26.22 -4.29 -4.77
N VAL A 318 -26.33 -5.59 -4.48
CA VAL A 318 -27.16 -6.10 -3.38
C VAL A 318 -26.22 -6.51 -2.28
N HIS A 319 -26.33 -5.92 -1.08
CA HIS A 319 -25.38 -6.19 -0.07
C HIS A 319 -26.01 -5.96 1.23
N HIS A 320 -25.25 -6.21 2.31
CA HIS A 320 -25.72 -6.11 3.68
C HIS A 320 -25.53 -4.72 4.36
N GLY A 321 -25.06 -3.74 3.59
CA GLY A 321 -25.09 -2.34 4.05
C GLY A 321 -23.87 -1.99 4.86
N GLY A 322 -22.80 -2.83 4.77
CA GLY A 322 -21.58 -2.64 5.56
C GLY A 322 -20.73 -1.48 4.96
N GLY A 323 -19.79 -0.98 5.76
CA GLY A 323 -18.93 0.18 5.43
C GLY A 323 -18.11 0.03 4.12
N GLY A 324 -17.44 -1.11 3.89
CA GLY A 324 -16.53 -1.16 2.69
C GLY A 324 -17.26 -1.19 1.36
N THR A 325 -18.24 -2.09 1.26
CA THR A 325 -19.10 -2.15 0.10
C THR A 325 -19.88 -0.87 -0.20
N ARG A 326 -20.49 -0.28 0.82
CA ARG A 326 -21.24 0.97 0.63
C ARG A 326 -20.30 2.12 0.21
N THR A 327 -19.05 2.14 0.70
CA THR A 327 -18.11 3.20 0.30
C THR A 327 -17.79 3.02 -1.16
N ASN A 328 -17.70 1.75 -1.59
CA ASN A 328 -17.58 1.45 -3.02
C ASN A 328 -18.78 1.95 -3.86
N ALA A 329 -20.00 1.73 -3.36
CA ALA A 329 -21.20 2.16 -4.04
C ALA A 329 -21.23 3.68 -4.16
N ILE A 330 -20.80 4.36 -3.11
CA ILE A 330 -20.69 5.84 -3.11
C ILE A 330 -19.69 6.27 -4.20
N ARG A 331 -18.52 5.62 -4.17
CA ARG A 331 -17.39 6.02 -4.99
C ARG A 331 -17.61 5.84 -6.47
N TYR A 332 -18.35 4.80 -6.86
CA TYR A 332 -18.66 4.51 -8.25
C TYR A 332 -20.09 4.85 -8.56
N GLY A 333 -20.76 5.58 -7.65
CA GLY A 333 -22.13 5.97 -7.99
C GLY A 333 -23.06 4.82 -8.37
N VAL A 334 -23.10 3.74 -7.59
CA VAL A 334 -23.94 2.58 -7.93
C VAL A 334 -25.15 2.50 -6.97
N PRO A 335 -26.36 2.36 -7.56
CA PRO A 335 -27.57 2.13 -6.75
C PRO A 335 -27.49 0.80 -5.96
N GLN A 336 -28.14 0.74 -4.80
CA GLN A 336 -27.97 -0.35 -3.83
C GLN A 336 -29.32 -0.93 -3.43
N LEU A 337 -29.36 -2.26 -3.28
CA LEU A 337 -30.48 -2.92 -2.63
C LEU A 337 -29.81 -3.42 -1.43
N ILE A 338 -30.26 -2.94 -0.29
CA ILE A 338 -29.63 -3.19 0.95
C ILE A 338 -30.54 -4.06 1.84
N VAL A 339 -29.94 -5.06 2.46
CA VAL A 339 -30.67 -5.97 3.31
C VAL A 339 -29.85 -5.81 4.55
N PRO A 340 -30.24 -4.89 5.44
CA PRO A 340 -29.33 -4.57 6.55
C PRO A 340 -29.12 -5.65 7.60
N ASN A 341 -27.85 -5.81 7.94
CA ASN A 341 -27.32 -6.56 9.08
C ASN A 341 -27.73 -6.02 10.46
N TRP A 342 -27.81 -4.71 10.65
CA TRP A 342 -27.99 -4.14 12.03
C TRP A 342 -26.87 -4.61 13.06
N LEU A 343 -25.62 -4.75 12.60
CA LEU A 343 -24.48 -5.05 13.45
C LEU A 343 -23.97 -3.75 14.06
N TRP A 344 -23.71 -2.73 13.25
CA TRP A 344 -23.12 -1.51 13.76
C TRP A 344 -24.04 -0.29 13.45
N ASP A 345 -24.26 -0.02 12.17
CA ASP A 345 -25.00 1.17 11.74
C ASP A 345 -25.69 0.93 10.43
N GLU A 346 -25.87 -0.34 10.06
CA GLU A 346 -26.32 -0.65 8.70
C GLU A 346 -27.76 -0.21 8.48
N GLY A 347 -28.56 -0.28 9.55
CA GLY A 347 -29.99 0.04 9.43
C GLY A 347 -30.20 1.54 9.23
N TYR A 348 -29.55 2.32 10.06
CA TYR A 348 -29.58 3.79 9.91
C TYR A 348 -29.01 4.23 8.55
N VAL A 349 -27.85 3.68 8.17
CA VAL A 349 -27.26 4.08 6.89
C VAL A 349 -28.15 3.68 5.70
N ALA A 350 -28.78 2.50 5.74
CA ALA A 350 -29.60 2.07 4.59
C ALA A 350 -30.81 3.05 4.45
N GLU A 351 -31.39 3.42 5.58
CA GLU A 351 -32.50 4.36 5.51
C GLU A 351 -32.02 5.70 4.89
N ARG A 352 -30.84 6.20 5.30
CA ARG A 352 -30.28 7.48 4.71
C ARG A 352 -30.16 7.33 3.19
N PHE A 353 -29.62 6.21 2.74
CA PHE A 353 -29.43 5.98 1.30
C PHE A 353 -30.77 5.96 0.62
N ALA A 354 -31.70 5.24 1.22
CA ALA A 354 -33.10 5.15 0.75
C ALA A 354 -33.81 6.50 0.68
N GLU A 355 -33.58 7.34 1.68
CA GLU A 355 -34.26 8.67 1.71
C GLU A 355 -33.64 9.56 0.62
N ARG A 356 -32.37 9.28 0.20
CA ARG A 356 -31.76 10.05 -0.90
C ARG A 356 -32.17 9.51 -2.26
N GLY A 357 -33.00 8.48 -2.29
CA GLY A 357 -33.37 7.91 -3.62
C GLY A 357 -32.29 7.03 -4.31
N ALA A 358 -31.20 6.73 -3.59
CA ALA A 358 -30.13 5.87 -4.22
C ALA A 358 -30.19 4.36 -3.86
N ALA A 359 -31.11 3.92 -3.03
CA ALA A 359 -31.22 2.52 -2.63
C ALA A 359 -32.67 2.15 -2.38
N LEU A 360 -32.93 0.86 -2.31
CA LEU A 360 -34.20 0.28 -1.83
C LEU A 360 -33.77 -0.71 -0.76
N VAL A 361 -34.58 -0.87 0.29
CA VAL A 361 -34.19 -1.62 1.48
C VAL A 361 -35.16 -2.77 1.70
N THR A 362 -34.64 -3.94 2.04
CA THR A 362 -35.51 -5.09 2.39
C THR A 362 -34.97 -5.61 3.69
N GLU A 363 -35.78 -5.46 4.73
CA GLU A 363 -35.35 -5.89 6.03
C GLU A 363 -35.41 -7.42 6.04
N VAL A 364 -34.52 -8.03 6.82
CA VAL A 364 -34.41 -9.52 6.88
C VAL A 364 -35.78 -10.27 7.12
N PRO A 365 -36.52 -9.92 8.20
CA PRO A 365 -37.88 -10.51 8.30
C PRO A 365 -38.73 -10.41 7.01
N ASP A 366 -38.42 -9.51 6.07
CA ASP A 366 -39.28 -9.25 4.89
C ASP A 366 -38.75 -9.79 3.61
N LEU A 367 -37.67 -10.50 3.75
CA LEU A 367 -36.91 -10.95 2.62
C LEU A 367 -37.51 -12.21 1.97
N THR A 368 -37.79 -12.19 0.67
CA THR A 368 -38.41 -13.32 -0.04
C THR A 368 -37.82 -13.28 -1.45
N PRO A 369 -37.67 -14.43 -2.10
CA PRO A 369 -37.05 -14.29 -3.44
C PRO A 369 -37.74 -13.24 -4.32
N ASP A 370 -39.07 -13.16 -4.21
CA ASP A 370 -39.86 -12.20 -4.94
C ASP A 370 -39.52 -10.74 -4.69
N ARG A 371 -39.28 -10.39 -3.44
CA ARG A 371 -39.07 -9.01 -3.10
C ARG A 371 -37.72 -8.58 -3.69
N LEU A 372 -36.70 -9.43 -3.49
CA LEU A 372 -35.35 -9.16 -4.00
C LEU A 372 -35.44 -8.89 -5.45
N ARG A 373 -36.15 -9.77 -6.13
CA ARG A 373 -36.35 -9.66 -7.57
C ARG A 373 -36.98 -8.35 -8.05
N ASP A 374 -38.07 -7.95 -7.40
CA ASP A 374 -38.82 -6.82 -7.83
C ASP A 374 -38.09 -5.53 -7.54
N GLN A 375 -37.37 -5.48 -6.42
CA GLN A 375 -36.59 -4.27 -6.08
C GLN A 375 -35.42 -4.13 -7.03
N LEU A 376 -34.67 -5.23 -7.21
CA LEU A 376 -33.67 -5.32 -8.28
C LEU A 376 -34.14 -4.81 -9.64
N ARG A 377 -35.36 -5.15 -10.12
CA ARG A 377 -35.77 -4.59 -11.45
C ARG A 377 -35.88 -3.06 -11.46
N ARG A 378 -36.45 -2.54 -10.37
CA ARG A 378 -36.62 -1.09 -10.18
C ARG A 378 -35.29 -0.36 -10.32
N LEU A 379 -34.28 -0.84 -9.58
CA LEU A 379 -32.97 -0.23 -9.57
C LEU A 379 -32.40 -0.18 -10.98
N ILE A 380 -32.61 -1.24 -11.75
CA ILE A 380 -32.10 -1.32 -13.10
C ILE A 380 -32.93 -0.38 -13.98
N ALA A 381 -34.26 -0.42 -13.89
CA ALA A 381 -35.04 0.31 -14.89
C ALA A 381 -35.49 1.78 -14.56
N GLU A 382 -35.47 2.17 -13.27
CA GLU A 382 -35.87 3.56 -12.95
C GLU A 382 -34.61 4.44 -12.80
N PRO A 383 -34.39 5.39 -13.76
CA PRO A 383 -33.20 6.24 -13.83
C PRO A 383 -32.98 7.17 -12.63
N SER A 384 -34.03 7.40 -11.83
CA SER A 384 -33.89 8.21 -10.61
C SER A 384 -32.85 7.62 -9.62
N PHE A 385 -32.78 6.30 -9.52
CA PHE A 385 -31.82 5.69 -8.58
C PHE A 385 -30.34 5.91 -8.97
N LYS A 386 -30.00 5.59 -10.22
CA LYS A 386 -28.66 5.93 -10.77
C LYS A 386 -28.39 7.44 -10.63
N ALA A 387 -29.40 8.30 -10.87
CA ALA A 387 -29.17 9.74 -10.75
C ALA A 387 -28.90 10.12 -9.32
N ALA A 388 -29.61 9.49 -8.39
CA ALA A 388 -29.36 9.83 -7.00
C ALA A 388 -27.97 9.24 -6.55
N ALA A 389 -27.69 7.99 -6.93
CA ALA A 389 -26.35 7.38 -6.65
C ALA A 389 -25.24 8.33 -7.16
N GLU A 390 -25.43 8.91 -8.35
CA GLU A 390 -24.38 9.78 -8.94
C GLU A 390 -24.22 11.10 -8.27
N GLN A 391 -25.31 11.65 -7.72
CA GLN A 391 -25.23 12.88 -6.89
C GLN A 391 -24.45 12.63 -5.60
N ILE A 392 -24.71 11.47 -4.98
CA ILE A 392 -23.95 11.07 -3.80
C ILE A 392 -22.43 11.02 -4.09
N GLN A 393 -22.09 10.41 -5.21
CA GLN A 393 -20.70 10.31 -5.69
C GLN A 393 -20.04 11.69 -5.92
N LYS A 394 -20.75 12.56 -6.62
CA LYS A 394 -20.38 14.01 -6.68
C LYS A 394 -19.97 14.61 -5.39
N GLU A 395 -20.83 14.47 -4.37
CA GLU A 395 -20.59 14.98 -3.06
C GLU A 395 -19.43 14.28 -2.37
N TYR A 396 -19.26 12.99 -2.65
CA TYR A 396 -18.11 12.26 -2.07
C TYR A 396 -16.80 12.82 -2.68
N ASP A 397 -16.81 12.98 -4.00
CA ASP A 397 -15.68 13.59 -4.74
C ASP A 397 -15.22 14.91 -4.12
N ALA A 398 -16.16 15.72 -3.59
CA ALA A 398 -15.73 17.00 -2.91
C ALA A 398 -15.07 16.85 -1.54
N LEU A 399 -15.14 15.67 -0.90
CA LEU A 399 -14.59 15.61 0.45
C LEU A 399 -13.08 15.74 0.42
N PRO A 400 -12.44 16.08 1.54
CA PRO A 400 -10.99 16.24 1.58
C PRO A 400 -10.21 14.94 1.14
N SER A 401 -9.25 15.11 0.21
CA SER A 401 -8.45 14.01 -0.34
C SER A 401 -7.68 13.40 0.79
N LEU A 402 -7.14 12.18 0.61
CA LEU A 402 -6.25 11.71 1.71
C LEU A 402 -5.05 12.61 1.95
N THR A 403 -4.61 13.29 0.91
CA THR A 403 -3.46 14.20 1.05
C THR A 403 -3.77 15.33 2.01
N GLU A 404 -4.95 15.95 1.87
CA GLU A 404 -5.41 17.00 2.80
C GLU A 404 -5.45 16.45 4.17
N THR A 405 -5.97 15.23 4.27
CA THR A 405 -6.11 14.63 5.61
C THR A 405 -4.79 14.43 6.32
N VAL A 406 -3.79 13.99 5.57
CA VAL A 406 -2.40 13.91 6.12
C VAL A 406 -1.90 15.28 6.67
N GLY A 407 -2.14 16.35 5.90
CA GLY A 407 -1.90 17.76 6.40
C GLY A 407 -2.65 18.05 7.71
N GLU A 408 -3.92 17.65 7.82
CA GLU A 408 -4.63 17.91 9.09
C GLU A 408 -3.99 17.12 10.20
N LEU A 409 -3.57 15.87 9.88
CA LEU A 409 -2.98 15.05 10.94
C LEU A 409 -1.59 15.54 11.37
N VAL A 410 -0.77 16.01 10.43
CA VAL A 410 0.42 16.82 10.80
C VAL A 410 0.04 17.96 11.84
N ARG A 411 -1.01 18.77 11.55
CA ARG A 411 -1.40 19.89 12.48
C ARG A 411 -1.74 19.36 13.81
N VAL A 412 -2.50 18.25 13.82
CA VAL A 412 -2.88 17.65 15.09
C VAL A 412 -1.64 17.25 15.87
N ALA A 413 -0.66 16.66 15.17
CA ALA A 413 0.57 16.21 15.81
C ALA A 413 1.40 17.40 16.29
N GLU A 414 1.48 18.42 15.50
CA GLU A 414 2.14 19.68 15.95
C GLU A 414 1.47 20.37 17.14
N ARG A 415 0.14 20.44 17.25
CA ARG A 415 -0.50 21.00 18.49
C ARG A 415 -0.54 20.09 19.72
N MET B 1 -7.95 9.90 -12.42
CA MET B 1 -7.55 9.39 -13.73
C MET B 1 -7.17 7.93 -13.53
N ARG B 2 -7.10 7.22 -14.62
CA ARG B 2 -6.81 5.80 -14.62
C ARG B 2 -5.29 5.68 -14.99
N VAL B 3 -4.50 5.02 -14.13
CA VAL B 3 -3.07 4.83 -14.40
C VAL B 3 -2.79 3.36 -14.58
N LEU B 4 -2.32 3.00 -15.72
CA LEU B 4 -1.90 1.64 -15.94
C LEU B 4 -0.35 1.56 -15.73
N MET B 5 0.07 0.90 -14.67
CA MET B 5 1.50 0.69 -14.40
C MET B 5 1.88 -0.70 -14.75
N THR B 6 3.04 -0.88 -15.39
CA THR B 6 3.36 -2.21 -15.81
C THR B 6 4.83 -2.50 -15.42
N VAL B 7 5.09 -3.71 -14.96
CA VAL B 7 6.46 -4.11 -14.60
C VAL B 7 6.56 -5.61 -14.91
N PHE B 8 7.70 -6.07 -15.47
CA PHE B 8 7.92 -7.51 -15.64
C PHE B 8 7.94 -8.23 -14.24
N ALA B 9 7.76 -9.57 -14.20
CA ALA B 9 7.63 -10.29 -12.92
C ALA B 9 8.95 -10.41 -12.17
N ASN B 10 9.20 -9.41 -11.32
CA ASN B 10 10.44 -9.34 -10.56
C ASN B 10 10.09 -8.52 -9.35
N ARG B 11 10.31 -9.05 -8.16
CA ARG B 11 9.90 -8.35 -6.97
C ARG B 11 10.60 -7.01 -6.74
N SER B 12 11.90 -6.96 -7.00
CA SER B 12 12.70 -5.72 -6.83
C SER B 12 12.17 -4.61 -7.76
N HIS B 13 11.92 -4.93 -9.02
CA HIS B 13 11.47 -3.89 -9.94
C HIS B 13 10.03 -3.54 -9.57
N LEU B 14 9.24 -4.51 -9.10
CA LEU B 14 7.93 -4.15 -8.48
C LEU B 14 8.03 -3.18 -7.35
N TYR B 15 8.80 -3.50 -6.28
CA TYR B 15 8.95 -2.62 -5.12
C TYR B 15 9.45 -1.22 -5.44
N ASN B 16 10.24 -1.12 -6.50
CA ASN B 16 10.74 0.18 -6.95
C ASN B 16 9.54 1.20 -7.20
N MET B 17 8.41 0.69 -7.70
CA MET B 17 7.24 1.54 -8.03
C MET B 17 6.05 1.44 -7.10
N VAL B 18 6.22 0.73 -5.99
CA VAL B 18 5.13 0.57 -5.06
C VAL B 18 4.69 1.87 -4.36
N PRO B 19 5.63 2.62 -3.76
CA PRO B 19 5.33 3.90 -3.09
C PRO B 19 4.66 4.87 -4.12
N LEU B 20 5.12 4.89 -5.36
CA LEU B 20 4.46 5.75 -6.40
C LEU B 20 3.01 5.27 -6.74
N ALA B 21 2.81 3.99 -6.99
CA ALA B 21 1.45 3.45 -6.99
C ALA B 21 0.58 3.88 -5.85
N TRP B 22 1.06 3.69 -4.62
CA TRP B 22 0.26 4.10 -3.50
C TRP B 22 0.01 5.63 -3.35
N ALA B 23 1.02 6.46 -3.67
CA ALA B 23 0.85 7.96 -3.74
C ALA B 23 -0.27 8.30 -4.73
N LEU B 24 -0.25 7.72 -5.90
CA LEU B 24 -1.32 7.88 -6.87
C LEU B 24 -2.69 7.39 -6.34
N THR B 25 -2.67 6.24 -5.65
CA THR B 25 -3.91 5.72 -5.07
C THR B 25 -4.52 6.67 -4.01
N THR B 26 -3.70 7.22 -3.13
CA THR B 26 -4.29 7.96 -2.02
C THR B 26 -4.64 9.41 -2.41
N ALA B 27 -4.12 9.84 -3.54
CA ALA B 27 -4.57 11.09 -4.17
C ALA B 27 -5.88 10.88 -4.95
N GLY B 28 -6.29 9.63 -5.24
CA GLY B 28 -7.69 9.33 -5.68
C GLY B 28 -7.76 8.65 -7.02
N HIS B 29 -6.58 8.44 -7.60
CA HIS B 29 -6.58 7.86 -8.90
C HIS B 29 -6.77 6.38 -8.78
N GLU B 30 -7.17 5.72 -9.86
CA GLU B 30 -7.39 4.29 -9.94
C GLU B 30 -6.13 3.69 -10.59
N VAL B 31 -5.45 2.81 -9.87
CA VAL B 31 -4.13 2.30 -10.33
C VAL B 31 -4.24 0.80 -10.53
N HIS B 32 -3.92 0.33 -11.71
CA HIS B 32 -3.76 -1.07 -11.99
C HIS B 32 -2.25 -1.42 -12.13
N ILE B 33 -1.82 -2.51 -11.48
CA ILE B 33 -0.43 -3.00 -11.70
C ILE B 33 -0.49 -4.23 -12.58
N ALA B 34 0.01 -4.10 -13.79
CA ALA B 34 -0.08 -5.23 -14.70
C ALA B 34 1.28 -5.87 -14.69
N SER B 35 1.32 -7.19 -14.58
CA SER B 35 2.56 -7.93 -14.57
C SER B 35 2.21 -9.38 -14.91
N HIS B 36 3.22 -10.18 -15.21
CA HIS B 36 3.01 -11.64 -15.39
C HIS B 36 2.34 -12.28 -14.16
N PRO B 37 1.65 -13.40 -14.38
CA PRO B 37 0.87 -14.05 -13.30
C PRO B 37 1.71 -14.37 -12.08
N ASP B 38 2.99 -14.74 -12.29
CA ASP B 38 3.86 -15.03 -11.17
C ASP B 38 4.24 -13.82 -10.33
N ASN B 39 3.85 -12.61 -10.74
CA ASN B 39 4.15 -11.48 -9.85
C ASN B 39 2.88 -11.11 -9.08
N VAL B 40 1.78 -11.82 -9.26
CA VAL B 40 0.55 -11.42 -8.60
C VAL B 40 0.61 -11.46 -7.08
N GLN B 41 1.20 -12.49 -6.52
CA GLN B 41 1.25 -12.52 -5.12
C GLN B 41 2.02 -11.33 -4.52
N ALA B 42 3.15 -10.99 -5.14
CA ALA B 42 3.95 -9.85 -4.70
C ALA B 42 3.11 -8.54 -4.82
N ILE B 43 2.30 -8.40 -5.88
CA ILE B 43 1.54 -7.16 -6.01
C ILE B 43 0.52 -7.13 -4.87
N SER B 44 -0.12 -8.27 -4.62
CA SER B 44 -0.98 -8.37 -3.42
C SER B 44 -0.37 -8.07 -2.11
N ASP B 45 0.84 -8.56 -1.89
CA ASP B 45 1.52 -8.36 -0.62
C ASP B 45 1.93 -6.91 -0.47
N SER B 46 1.85 -6.13 -1.55
CA SER B 46 2.20 -4.72 -1.52
C SER B 46 0.95 -3.82 -1.27
N GLY B 47 -0.21 -4.45 -1.22
CA GLY B 47 -1.50 -3.79 -1.06
C GLY B 47 -2.11 -3.23 -2.33
N LEU B 48 -1.72 -3.70 -3.52
CA LEU B 48 -2.13 -3.05 -4.75
C LEU B 48 -2.97 -4.00 -5.63
N THR B 49 -3.50 -3.52 -6.75
CA THR B 49 -4.43 -4.28 -7.58
C THR B 49 -3.67 -4.81 -8.75
N ALA B 50 -3.67 -6.14 -8.88
CA ALA B 50 -2.92 -6.80 -9.88
C ALA B 50 -3.79 -7.10 -11.07
N VAL B 51 -3.23 -6.86 -12.26
CA VAL B 51 -3.87 -7.22 -13.50
C VAL B 51 -2.92 -8.16 -14.24
N PRO B 52 -3.15 -9.48 -14.15
CA PRO B 52 -2.20 -10.45 -14.73
C PRO B 52 -2.22 -10.37 -16.25
N VAL B 53 -1.03 -10.42 -16.88
CA VAL B 53 -0.91 -10.32 -18.35
C VAL B 53 0.14 -11.31 -18.83
N GLY B 54 -0.09 -11.98 -19.94
CA GLY B 54 0.89 -12.95 -20.43
C GLY B 54 0.98 -14.20 -19.55
N ASN B 55 2.04 -14.98 -19.76
CA ASN B 55 2.25 -16.28 -19.07
C ASN B 55 3.31 -16.05 -18.04
N ASP B 56 3.41 -16.94 -17.03
CA ASP B 56 4.44 -16.82 -16.01
C ASP B 56 5.76 -16.52 -16.71
N LEU B 57 6.51 -15.56 -16.18
CA LEU B 57 7.85 -15.27 -16.69
C LEU B 57 8.86 -16.26 -16.11
N ASN B 58 8.81 -16.46 -14.80
CA ASN B 58 9.77 -17.30 -14.04
C ASN B 58 11.22 -16.91 -14.24
N ILE B 59 11.57 -15.62 -14.08
CA ILE B 59 12.87 -15.08 -14.62
C ILE B 59 14.01 -15.62 -13.82
N MET B 60 13.69 -16.28 -12.72
CA MET B 60 14.74 -16.84 -11.89
C MET B 60 15.33 -18.23 -12.30
N ALA B 61 14.50 -19.15 -12.81
CA ALA B 61 14.99 -20.47 -13.22
C ALA B 61 15.54 -20.49 -14.67
N ALA B 76 30.71 -9.91 -22.60
CA ALA B 76 31.08 -9.16 -23.79
C ALA B 76 30.24 -7.87 -23.84
N LEU B 77 28.93 -8.02 -24.01
CA LEU B 77 28.08 -6.86 -24.31
C LEU B 77 27.32 -6.41 -23.08
N THR B 78 27.84 -5.43 -22.36
CA THR B 78 27.11 -4.92 -21.20
C THR B 78 26.66 -3.47 -21.29
N LEU B 79 25.70 -3.18 -20.42
CA LEU B 79 25.04 -1.93 -20.41
C LEU B 79 25.71 -1.01 -19.40
N ASN B 80 26.52 -1.55 -18.52
CA ASN B 80 27.21 -0.67 -17.64
C ASN B 80 28.58 -0.15 -18.18
N GLU B 81 28.88 -0.36 -19.45
CA GLU B 81 30.20 0.00 -19.97
C GLU B 81 30.30 1.55 -20.02
N THR B 82 31.33 2.14 -19.40
CA THR B 82 31.48 3.60 -19.52
C THR B 82 32.87 4.05 -20.07
N ARG B 83 33.77 3.12 -20.38
CA ARG B 83 35.02 3.51 -21.05
C ARG B 83 34.76 4.10 -22.44
N PRO B 84 35.16 5.36 -22.68
CA PRO B 84 34.82 6.02 -23.95
C PRO B 84 35.29 5.21 -25.18
N GLU B 85 36.45 4.53 -25.09
CA GLU B 85 36.98 3.79 -26.27
C GLU B 85 36.15 2.58 -26.63
N LYS B 86 35.43 2.03 -25.68
CA LYS B 86 34.58 0.87 -25.93
C LYS B 86 33.21 1.28 -26.46
N LEU B 87 32.88 2.55 -26.30
CA LEU B 87 31.54 3.08 -26.66
C LEU B 87 31.48 3.53 -28.13
N THR B 88 31.75 2.60 -29.02
CA THR B 88 31.65 2.87 -30.46
C THR B 88 30.22 2.61 -30.93
N TRP B 89 29.86 3.14 -32.11
CA TRP B 89 28.61 2.84 -32.78
C TRP B 89 28.40 1.30 -32.87
N GLN B 90 29.43 0.51 -33.27
CA GLN B 90 29.25 -0.92 -33.41
C GLN B 90 28.91 -1.63 -32.08
N TYR B 91 29.61 -1.23 -31.03
CA TYR B 91 29.36 -1.80 -29.70
C TYR B 91 27.95 -1.53 -29.20
N ILE B 92 27.50 -0.27 -29.24
CA ILE B 92 26.17 0.10 -28.74
C ILE B 92 25.04 -0.54 -29.61
N HIS B 93 25.26 -0.53 -30.92
CA HIS B 93 24.47 -1.32 -31.84
C HIS B 93 24.27 -2.76 -31.39
N ASP B 94 25.38 -3.42 -31.06
CA ASP B 94 25.28 -4.83 -30.67
C ASP B 94 24.70 -4.99 -29.27
N VAL B 95 24.95 -4.06 -28.36
CA VAL B 95 24.29 -4.09 -27.09
C VAL B 95 22.74 -4.06 -27.37
N PHE B 96 22.32 -3.14 -28.25
CA PHE B 96 20.92 -2.98 -28.58
C PHE B 96 20.30 -4.21 -29.21
N ALA B 97 21.02 -4.81 -30.14
CA ALA B 97 20.58 -6.08 -30.75
C ALA B 97 20.38 -7.16 -29.71
N GLN B 98 21.32 -7.30 -28.77
CA GLN B 98 21.19 -8.35 -27.76
C GLN B 98 20.12 -8.10 -26.71
N TYR B 99 20.06 -6.89 -26.16
CA TYR B 99 19.11 -6.61 -25.15
C TYR B 99 17.69 -6.45 -25.67
N SER B 100 17.58 -6.08 -26.94
CA SER B 100 16.28 -6.11 -27.58
C SER B 100 15.72 -7.56 -27.51
N GLN B 101 16.56 -8.58 -27.62
CA GLN B 101 16.07 -9.96 -27.51
C GLN B 101 15.72 -10.35 -26.11
N ILE B 102 16.62 -10.03 -25.18
CA ILE B 102 16.34 -10.29 -23.79
C ILE B 102 15.05 -9.57 -23.28
N TYR B 103 14.85 -8.34 -23.73
CA TYR B 103 13.76 -7.56 -23.16
C TYR B 103 12.46 -8.04 -23.78
N GLU B 104 12.56 -8.52 -25.02
CA GLU B 104 11.41 -9.14 -25.64
C GLU B 104 10.95 -10.35 -24.85
N TYR B 105 11.91 -11.22 -24.50
CA TYR B 105 11.67 -12.38 -23.66
C TYR B 105 10.95 -12.00 -22.33
N MET B 106 11.36 -10.90 -21.74
CA MET B 106 10.83 -10.39 -20.46
C MET B 106 9.45 -9.73 -20.56
N ALA B 107 9.01 -9.33 -21.77
CA ALA B 107 7.66 -8.79 -22.02
C ALA B 107 7.21 -9.19 -23.43
N ASP B 108 6.79 -10.45 -23.46
CA ASP B 108 6.24 -11.22 -24.53
C ASP B 108 5.27 -10.66 -25.49
N SER B 109 5.18 -11.28 -26.66
CA SER B 109 4.05 -10.96 -27.58
C SER B 109 2.71 -11.27 -26.91
N THR B 110 2.67 -12.33 -26.07
CA THR B 110 1.46 -12.65 -25.27
C THR B 110 1.23 -11.58 -24.19
N MET B 111 2.27 -11.26 -23.41
CA MET B 111 2.18 -10.22 -22.40
C MET B 111 1.79 -8.90 -23.00
N THR B 112 2.43 -8.57 -24.12
CA THR B 112 2.19 -7.35 -24.83
C THR B 112 0.75 -7.31 -25.39
N ALA B 113 0.30 -8.38 -26.04
CA ALA B 113 -1.09 -8.40 -26.54
C ALA B 113 -2.12 -8.27 -25.36
N ASP B 114 -1.89 -9.03 -24.29
CA ASP B 114 -2.74 -8.85 -23.08
C ASP B 114 -2.70 -7.48 -22.58
N LEU B 115 -1.52 -6.87 -22.48
CA LEU B 115 -1.52 -5.45 -21.97
C LEU B 115 -2.23 -4.44 -22.94
N VAL B 116 -1.99 -4.58 -24.24
CA VAL B 116 -2.73 -3.73 -25.25
C VAL B 116 -4.28 -3.88 -25.11
N ALA B 117 -4.74 -5.13 -25.12
CA ALA B 117 -6.17 -5.44 -24.90
C ALA B 117 -6.72 -4.75 -23.68
N HIS B 118 -6.02 -4.82 -22.52
CA HIS B 118 -6.42 -4.09 -21.29
C HIS B 118 -6.40 -2.57 -21.44
N ALA B 119 -5.37 -2.08 -22.13
CA ALA B 119 -5.31 -0.61 -22.33
C ALA B 119 -6.54 -0.21 -23.19
N ARG B 120 -6.90 -1.03 -24.18
CA ARG B 120 -8.02 -0.70 -25.10
C ARG B 120 -9.33 -0.71 -24.31
N GLN B 121 -9.53 -1.77 -23.52
CA GLN B 121 -10.69 -1.86 -22.63
C GLN B 121 -10.74 -0.78 -21.61
N TRP B 122 -9.73 -0.72 -20.76
CA TRP B 122 -9.73 0.20 -19.60
C TRP B 122 -9.50 1.63 -19.97
N GLN B 123 -8.86 1.79 -21.12
CA GLN B 123 -8.41 3.09 -21.65
C GLN B 123 -7.77 4.01 -20.61
N PRO B 124 -6.53 3.71 -20.11
CA PRO B 124 -5.89 4.52 -19.11
C PRO B 124 -5.56 5.97 -19.51
N ASP B 125 -5.50 6.93 -18.61
CA ASP B 125 -5.04 8.27 -18.97
C ASP B 125 -3.53 8.50 -18.90
N LEU B 126 -2.84 7.58 -18.21
CA LEU B 126 -1.34 7.61 -18.04
C LEU B 126 -0.86 6.12 -17.98
N VAL B 127 0.12 5.73 -18.83
CA VAL B 127 0.89 4.48 -18.60
C VAL B 127 2.26 4.80 -17.94
N ILE B 128 2.56 4.09 -16.84
CA ILE B 128 3.92 4.21 -16.14
C ILE B 128 4.57 2.84 -16.25
N TRP B 129 5.67 2.75 -16.99
CA TRP B 129 6.27 1.43 -17.21
C TRP B 129 7.66 1.41 -16.59
N ASP B 130 7.91 0.38 -15.80
CA ASP B 130 9.30 0.00 -15.45
C ASP B 130 10.21 -0.03 -16.68
N ALA B 131 11.42 0.55 -16.56
CA ALA B 131 12.26 0.86 -17.73
C ALA B 131 12.67 -0.39 -18.55
N LEU B 132 12.56 -1.56 -17.94
CA LEU B 132 12.87 -2.80 -18.61
C LEU B 132 11.64 -3.46 -19.20
N THR B 133 10.46 -2.83 -19.07
CA THR B 133 9.23 -3.52 -19.45
C THR B 133 8.55 -2.95 -20.75
N TYR B 134 9.01 -3.38 -21.91
CA TYR B 134 8.68 -2.70 -23.18
C TYR B 134 7.29 -3.02 -23.75
N ALA B 135 6.50 -3.85 -23.08
CA ALA B 135 5.07 -3.81 -23.33
C ALA B 135 4.37 -2.44 -23.00
N GLY B 136 4.86 -1.77 -21.95
CA GLY B 136 4.37 -0.46 -21.48
C GLY B 136 4.08 0.56 -22.60
N PRO B 137 5.15 0.95 -23.35
CA PRO B 137 4.98 1.97 -24.40
C PRO B 137 4.12 1.50 -25.58
N ILE B 138 4.16 0.23 -25.98
CA ILE B 138 3.29 -0.32 -27.05
C ILE B 138 1.79 -0.13 -26.66
N ALA B 139 1.45 -0.61 -25.44
CA ALA B 139 0.08 -0.51 -24.96
C ALA B 139 -0.38 0.97 -24.93
N ALA B 140 0.46 1.88 -24.43
CA ALA B 140 0.13 3.30 -24.25
C ALA B 140 -0.21 4.01 -25.55
N GLU B 141 0.52 3.63 -26.59
CA GLU B 141 0.45 4.27 -27.88
C GLU B 141 -0.70 3.71 -28.72
N ALA B 142 -1.24 2.58 -28.31
CA ALA B 142 -2.41 2.06 -28.97
C ALA B 142 -3.60 2.96 -28.59
N VAL B 143 -3.43 3.86 -27.66
CA VAL B 143 -4.55 4.62 -27.12
C VAL B 143 -4.19 6.11 -26.84
N GLY B 144 -3.08 6.57 -27.45
CA GLY B 144 -2.58 7.94 -27.25
C GLY B 144 -2.57 8.32 -25.78
N ALA B 145 -2.22 7.35 -24.92
CA ALA B 145 -1.92 7.87 -23.60
C ALA B 145 -0.43 8.22 -23.64
N PRO B 146 -0.08 9.30 -22.98
CA PRO B 146 1.24 9.70 -22.68
C PRO B 146 1.79 8.56 -21.69
N HIS B 147 3.09 8.24 -21.77
CA HIS B 147 3.65 7.17 -20.88
C HIS B 147 4.96 7.63 -20.28
N VAL B 148 5.13 7.32 -19.00
CA VAL B 148 6.31 7.72 -18.27
C VAL B 148 7.19 6.47 -18.04
N ARG B 149 8.44 6.54 -18.53
CA ARG B 149 9.40 5.45 -18.33
C ARG B 149 10.00 5.62 -16.91
N MET B 150 9.76 4.61 -16.05
CA MET B 150 10.21 4.70 -14.69
C MET B 150 11.57 3.99 -14.47
N LEU B 151 12.60 4.76 -14.08
CA LEU B 151 13.93 4.16 -13.82
C LEU B 151 13.92 3.43 -12.51
N PHE B 152 14.94 2.61 -12.34
CA PHE B 152 15.06 1.78 -11.13
C PHE B 152 16.53 1.89 -10.62
N GLY B 153 17.31 2.76 -11.27
CA GLY B 153 18.68 3.12 -10.81
C GLY B 153 19.08 4.20 -11.82
N LEU B 154 20.35 4.32 -12.13
CA LEU B 154 20.75 5.16 -13.25
C LEU B 154 20.28 4.74 -14.64
N ASP B 155 20.20 5.71 -15.55
CA ASP B 155 19.65 5.46 -16.87
C ASP B 155 20.74 5.00 -17.86
N GLN B 156 21.27 3.78 -17.65
CA GLN B 156 22.28 3.22 -18.53
C GLN B 156 21.76 3.22 -19.95
N TRP B 157 20.48 2.87 -20.11
CA TRP B 157 19.95 2.65 -21.45
C TRP B 157 19.85 3.99 -22.15
N GLY B 158 19.43 5.04 -21.39
CA GLY B 158 19.28 6.38 -22.03
C GLY B 158 20.66 6.97 -22.37
N ARG B 159 21.60 6.80 -21.43
CA ARG B 159 23.01 7.16 -21.68
C ARG B 159 23.61 6.50 -22.95
N MET B 160 23.42 5.20 -23.13
CA MET B 160 23.88 4.57 -24.34
C MET B 160 23.05 5.08 -25.52
N ARG B 161 21.74 5.29 -25.31
CA ARG B 161 20.89 5.63 -26.46
C ARG B 161 21.27 7.03 -27.03
N ASP B 162 21.58 7.94 -26.14
CA ASP B 162 22.02 9.28 -26.54
C ASP B 162 23.28 9.22 -27.38
N HIS B 163 24.27 8.45 -26.91
CA HIS B 163 25.52 8.26 -27.64
C HIS B 163 25.18 7.68 -28.99
N PHE B 164 24.40 6.59 -29.02
CA PHE B 164 24.03 5.94 -30.25
C PHE B 164 23.35 6.87 -31.24
N ASN B 165 22.47 7.75 -30.72
CA ASN B 165 21.71 8.59 -31.67
C ASN B 165 22.63 9.71 -32.20
N ARG B 166 23.49 10.29 -31.35
CA ARG B 166 24.57 11.21 -31.80
C ARG B 166 25.43 10.50 -32.88
N LEU B 167 26.00 9.35 -32.56
CA LEU B 167 26.81 8.63 -33.60
C LEU B 167 26.07 8.36 -34.93
N THR B 168 24.81 7.95 -34.83
CA THR B 168 24.01 7.55 -35.95
C THR B 168 23.84 8.73 -36.90
N GLY B 169 23.57 9.91 -36.34
CA GLY B 169 23.22 11.09 -37.14
C GLY B 169 24.41 11.66 -37.89
N GLU B 170 25.57 11.03 -37.74
CA GLU B 170 26.72 11.47 -38.47
C GLU B 170 27.32 10.38 -39.34
N ARG B 171 26.70 9.21 -39.42
CA ARG B 171 27.13 8.18 -40.40
C ARG B 171 26.40 8.42 -41.68
N ALA B 172 26.86 7.81 -42.77
CA ALA B 172 26.10 7.78 -44.04
C ALA B 172 24.68 7.38 -43.76
N ALA B 173 23.72 7.77 -44.63
CA ALA B 173 22.26 7.42 -44.47
C ALA B 173 21.94 5.95 -44.67
N ASP B 174 22.66 5.32 -45.58
CA ASP B 174 22.52 3.90 -45.80
C ASP B 174 23.23 3.11 -44.70
N ASP B 175 23.75 3.77 -43.68
CA ASP B 175 24.59 3.11 -42.69
C ASP B 175 24.17 3.38 -41.23
N ARG B 176 22.90 3.20 -40.98
CA ARG B 176 22.31 3.60 -39.72
C ARG B 176 21.33 2.56 -39.31
N HIS B 177 21.74 1.31 -39.34
CA HIS B 177 20.85 0.31 -38.80
C HIS B 177 20.58 0.56 -37.31
N ASP B 178 19.31 0.54 -36.93
CA ASP B 178 18.94 0.75 -35.57
C ASP B 178 18.15 -0.49 -35.04
N PRO B 179 18.84 -1.38 -34.30
CA PRO B 179 18.11 -2.56 -33.79
C PRO B 179 16.92 -2.23 -32.91
N LEU B 180 16.94 -1.10 -32.23
CA LEU B 180 15.81 -0.76 -31.39
C LEU B 180 14.56 -0.40 -32.28
N ALA B 181 14.82 0.13 -33.47
CA ALA B 181 13.74 0.56 -34.33
C ALA B 181 13.19 -0.67 -34.97
N ASP B 182 14.06 -1.60 -35.34
CA ASP B 182 13.57 -2.81 -35.97
C ASP B 182 12.75 -3.59 -34.90
N TRP B 183 13.29 -3.70 -33.69
CA TRP B 183 12.60 -4.42 -32.61
C TRP B 183 11.24 -3.86 -32.30
N LEU B 184 11.18 -2.56 -32.00
CA LEU B 184 9.98 -1.91 -31.51
C LEU B 184 8.94 -1.60 -32.59
N ALA B 185 9.36 -1.40 -33.84
CA ALA B 185 8.40 -1.35 -34.95
C ALA B 185 7.69 -2.71 -35.07
N THR B 186 8.50 -3.76 -35.06
CA THR B 186 8.01 -5.15 -35.03
C THR B 186 7.06 -5.45 -33.85
N LYS B 187 7.47 -5.11 -32.65
CA LYS B 187 6.65 -5.32 -31.48
C LYS B 187 5.28 -4.58 -31.61
N GLY B 188 5.29 -3.36 -32.14
CA GLY B 188 4.12 -2.51 -32.28
C GLY B 188 3.20 -2.86 -33.43
N GLU B 189 3.76 -3.50 -34.44
CA GLU B 189 3.06 -3.78 -35.68
C GLU B 189 1.66 -4.46 -35.48
N PRO B 190 1.56 -5.50 -34.60
CA PRO B 190 0.25 -6.14 -34.56
C PRO B 190 -0.80 -5.25 -33.93
N HIS B 191 -0.38 -4.14 -33.34
CA HIS B 191 -1.30 -3.31 -32.55
C HIS B 191 -1.46 -1.93 -33.20
N GLY B 192 -0.97 -1.81 -34.45
CA GLY B 192 -0.95 -0.57 -35.26
C GLY B 192 -0.10 0.53 -34.64
N VAL B 193 1.00 0.15 -33.97
CA VAL B 193 1.84 1.17 -33.27
C VAL B 193 3.07 1.29 -34.11
N ALA B 194 3.33 2.55 -34.43
CA ALA B 194 4.43 2.90 -35.35
C ALA B 194 5.66 3.15 -34.50
N PHE B 195 6.86 2.75 -34.94
CA PHE B 195 8.06 3.26 -34.21
C PHE B 195 8.17 4.77 -34.11
N THR B 196 8.22 5.31 -32.88
CA THR B 196 8.71 6.66 -32.64
C THR B 196 9.82 6.49 -31.62
N GLU B 197 10.64 7.53 -31.46
CA GLU B 197 11.71 7.50 -30.48
C GLU B 197 11.13 7.47 -29.05
N SER B 198 9.92 7.95 -28.91
CA SER B 198 9.31 7.98 -27.61
C SER B 198 8.98 6.54 -27.14
N LEU B 199 9.00 5.56 -28.04
CA LEU B 199 8.82 4.14 -27.64
C LEU B 199 10.05 3.62 -26.86
N VAL B 200 11.18 4.27 -27.12
CA VAL B 200 12.42 3.84 -26.51
C VAL B 200 12.58 4.39 -25.13
N THR B 201 12.26 5.69 -24.97
CA THR B 201 12.52 6.32 -23.71
C THR B 201 11.36 6.96 -22.94
N GLY B 202 10.14 6.86 -23.49
CA GLY B 202 8.94 7.40 -22.86
C GLY B 202 8.59 8.82 -23.36
N THR B 203 7.31 9.22 -23.22
CA THR B 203 6.93 10.64 -23.37
C THR B 203 7.83 11.34 -22.47
N THR B 204 8.00 10.78 -21.27
CA THR B 204 9.10 11.28 -20.43
C THR B 204 9.60 10.21 -19.47
N THR B 205 10.56 10.55 -18.62
CA THR B 205 11.28 9.56 -17.78
C THR B 205 11.19 10.04 -16.37
N LEU B 206 10.93 9.13 -15.42
CA LEU B 206 10.91 9.48 -13.98
C LEU B 206 12.16 8.83 -13.39
N ALA B 207 12.99 9.63 -12.71
CA ALA B 207 14.23 9.13 -12.09
C ALA B 207 14.04 8.74 -10.64
N VAL B 208 14.74 7.69 -10.16
CA VAL B 208 14.67 7.39 -8.75
C VAL B 208 15.97 7.75 -8.01
N ALA B 209 17.04 7.91 -8.75
CA ALA B 209 18.35 8.28 -8.20
C ALA B 209 18.37 9.86 -8.13
N PRO B 210 18.99 10.41 -7.07
CA PRO B 210 19.21 11.87 -6.94
C PRO B 210 20.01 12.47 -8.08
N PRO B 211 19.61 13.72 -8.51
CA PRO B 211 20.19 14.36 -9.68
C PRO B 211 21.70 14.42 -9.54
N TRP B 212 22.21 14.62 -8.36
CA TRP B 212 23.71 14.78 -8.23
C TRP B 212 24.52 13.53 -8.64
N MET B 213 23.91 12.36 -8.70
CA MET B 213 24.67 11.18 -9.07
C MET B 213 24.20 10.64 -10.41
N SER B 214 23.23 11.29 -11.06
CA SER B 214 22.71 10.77 -12.32
C SER B 214 23.60 11.11 -13.52
N PHE B 215 23.49 10.34 -14.61
CA PHE B 215 24.13 10.71 -15.88
C PHE B 215 23.51 11.98 -16.47
N PRO B 216 24.30 12.83 -17.19
CA PRO B 216 23.69 13.88 -18.06
C PRO B 216 22.79 13.22 -19.09
N SER B 217 21.65 13.83 -19.37
CA SER B 217 20.72 13.29 -20.35
C SER B 217 20.43 14.38 -21.40
N GLU B 218 20.25 14.02 -22.64
CA GLU B 218 19.80 14.95 -23.65
C GLU B 218 18.29 15.11 -23.52
N GLN B 219 17.69 14.43 -22.55
CA GLN B 219 16.27 14.59 -22.28
C GLN B 219 15.98 14.97 -20.81
N PRO B 220 14.84 15.62 -20.58
CA PRO B 220 14.62 15.95 -19.18
C PRO B 220 14.03 14.71 -18.45
N ALA B 221 14.16 14.67 -17.14
CA ALA B 221 13.76 13.54 -16.29
C ALA B 221 13.10 14.20 -15.13
N LEU B 222 11.99 13.68 -14.67
CA LEU B 222 11.41 14.17 -13.43
C LEU B 222 12.27 13.49 -12.36
N SER B 223 12.58 14.23 -11.31
CA SER B 223 13.19 13.66 -10.15
C SER B 223 12.21 13.61 -9.02
N MET B 224 12.61 12.92 -7.98
CA MET B 224 11.70 12.48 -6.94
C MET B 224 12.51 12.09 -5.70
N ARG B 225 11.95 12.38 -4.54
CA ARG B 225 12.47 11.88 -3.28
C ARG B 225 12.01 10.40 -3.16
N HIS B 226 12.77 9.53 -3.82
CA HIS B 226 12.44 8.12 -3.94
C HIS B 226 12.25 7.44 -2.63
N LEU B 227 11.09 6.85 -2.47
CA LEU B 227 10.81 6.09 -1.24
C LEU B 227 11.18 4.55 -1.50
N PRO B 228 12.17 4.00 -0.73
CA PRO B 228 12.63 2.59 -0.84
C PRO B 228 11.65 1.69 -0.17
N PHE B 229 10.84 0.99 -0.95
CA PHE B 229 9.86 0.07 -0.34
C PHE B 229 10.64 -1.22 -0.04
N ASN B 230 10.66 -1.58 1.23
CA ASN B 230 11.36 -2.79 1.67
C ASN B 230 10.56 -4.11 1.69
N GLY B 231 9.25 -4.04 1.38
CA GLY B 231 8.43 -5.27 1.28
C GLY B 231 7.74 -5.48 2.62
N PRO B 232 6.84 -6.45 2.74
CA PRO B 232 6.21 -6.70 4.08
C PRO B 232 7.19 -6.76 5.31
N ALA B 233 6.76 -6.34 6.46
CA ALA B 233 7.70 -6.19 7.54
C ALA B 233 7.02 -6.37 8.86
N VAL B 234 7.65 -7.12 9.74
CA VAL B 234 7.21 -7.36 11.12
C VAL B 234 8.36 -6.94 12.03
N LEU B 235 8.12 -6.06 12.99
CA LEU B 235 9.21 -5.60 13.82
C LEU B 235 9.60 -6.73 14.77
N PRO B 236 10.86 -7.23 14.73
CA PRO B 236 11.20 -8.27 15.71
C PRO B 236 11.45 -7.68 17.10
N ASP B 237 11.32 -8.53 18.12
CA ASP B 237 11.44 -8.08 19.49
C ASP B 237 12.77 -7.39 19.70
N TRP B 238 13.81 -7.94 19.15
CA TRP B 238 15.14 -7.48 19.47
C TRP B 238 15.39 -6.06 18.92
N LEU B 239 14.77 -5.70 17.77
CA LEU B 239 14.75 -4.31 17.29
C LEU B 239 13.97 -3.34 18.18
N ARG B 240 13.13 -3.88 19.06
CA ARG B 240 12.22 -3.00 19.78
C ARG B 240 12.92 -2.40 20.99
N GLU B 241 14.02 -3.03 21.39
CA GLU B 241 14.77 -2.67 22.59
C GLU B 241 15.75 -1.52 22.34
N ALA B 242 15.71 -0.51 23.21
CA ALA B 242 16.77 0.51 23.30
C ALA B 242 18.13 0.01 22.74
N PRO B 243 18.65 0.70 21.73
CA PRO B 243 19.95 0.31 21.21
C PRO B 243 21.05 0.38 22.28
N SER B 244 21.72 -0.74 22.49
CA SER B 244 22.80 -0.87 23.46
C SER B 244 24.03 0.06 23.20
N ARG B 245 24.59 -0.02 21.99
CA ARG B 245 25.75 0.81 21.51
C ARG B 245 25.80 0.74 19.96
N PRO B 246 26.74 1.42 19.30
CA PRO B 246 26.68 1.52 17.82
C PRO B 246 26.32 0.21 17.09
N ARG B 247 25.59 0.31 15.99
CA ARG B 247 25.14 -0.88 15.25
C ARG B 247 25.69 -0.75 13.86
N VAL B 248 25.95 -1.88 13.22
CA VAL B 248 26.34 -1.89 11.83
C VAL B 248 25.52 -2.97 11.16
N CYS B 249 25.11 -2.71 9.91
CA CYS B 249 24.24 -3.55 9.22
C CYS B 249 25.09 -4.14 8.12
N LEU B 250 25.14 -5.45 8.07
CA LEU B 250 25.88 -6.21 7.08
C LEU B 250 24.95 -7.07 6.22
N THR B 251 24.85 -6.73 4.93
CA THR B 251 24.02 -7.40 3.94
C THR B 251 24.90 -7.62 2.71
N LEU B 252 25.91 -8.48 2.86
CA LEU B 252 26.90 -8.83 1.83
C LEU B 252 26.97 -10.37 1.64
N GLY B 253 26.02 -11.05 2.29
CA GLY B 253 25.75 -12.47 2.13
C GLY B 253 25.95 -13.01 0.73
N LEU B 254 25.26 -12.42 -0.26
CA LEU B 254 25.34 -12.97 -1.61
C LEU B 254 26.77 -12.91 -2.16
N THR B 255 27.37 -11.72 -2.15
CA THR B 255 28.75 -11.52 -2.66
C THR B 255 29.79 -12.40 -1.95
N LEU B 256 29.55 -12.67 -0.67
CA LEU B 256 30.55 -13.31 0.18
C LEU B 256 30.74 -14.78 -0.12
N ARG B 257 29.66 -15.51 -0.31
CA ARG B 257 29.80 -16.90 -0.68
C ARG B 257 30.74 -17.08 -1.92
N GLU B 258 30.75 -16.10 -2.84
CA GLU B 258 31.57 -16.16 -4.07
C GLU B 258 33.11 -16.34 -3.95
N LEU B 259 33.69 -16.12 -2.77
CA LEU B 259 35.15 -15.93 -2.67
C LEU B 259 35.75 -16.33 -1.33
N ASN B 263 40.31 -21.05 0.46
CA ASN B 263 41.35 -20.78 1.45
C ASN B 263 41.17 -19.51 2.31
N VAL B 264 40.44 -18.53 1.77
CA VAL B 264 39.97 -17.39 2.57
C VAL B 264 38.48 -17.66 2.80
N THR B 265 38.15 -17.90 4.04
CA THR B 265 36.86 -18.48 4.37
C THR B 265 35.77 -17.44 4.68
N LEU B 266 34.49 -17.86 4.59
CA LEU B 266 33.33 -17.04 4.98
C LEU B 266 33.40 -16.66 6.46
N ALA B 267 33.77 -17.62 7.30
CA ALA B 267 34.04 -17.31 8.71
C ALA B 267 35.15 -16.22 8.93
N ASP B 268 36.24 -16.35 8.19
CA ASP B 268 37.33 -15.37 8.19
C ASP B 268 36.82 -13.97 7.90
N PHE B 269 36.03 -13.84 6.82
CA PHE B 269 35.37 -12.58 6.48
C PHE B 269 34.48 -12.09 7.58
N VAL B 270 33.70 -12.98 8.17
CA VAL B 270 32.81 -12.55 9.27
C VAL B 270 33.54 -12.18 10.57
N ASN B 271 34.58 -12.94 10.90
CA ASN B 271 35.39 -12.61 12.11
C ASN B 271 36.06 -11.25 11.98
N ALA B 272 36.62 -10.94 10.82
CA ALA B 272 37.28 -9.64 10.62
C ALA B 272 36.29 -8.47 10.68
N VAL B 273 35.24 -8.59 9.87
CA VAL B 273 34.20 -7.60 9.80
C VAL B 273 33.59 -7.35 11.17
N ALA B 274 33.42 -8.41 11.97
CA ALA B 274 32.90 -8.20 13.34
C ALA B 274 33.92 -7.56 14.33
N ASP B 275 35.19 -7.50 13.97
CA ASP B 275 36.20 -7.08 14.95
C ASP B 275 36.28 -5.54 15.01
N ILE B 276 35.21 -4.94 15.52
CA ILE B 276 35.02 -3.50 15.45
C ILE B 276 34.23 -3.07 16.68
N ASP B 277 34.22 -1.80 16.98
CA ASP B 277 33.56 -1.40 18.21
C ASP B 277 32.07 -1.10 17.99
N ALA B 278 31.27 -2.16 17.74
CA ALA B 278 29.81 -2.05 17.46
C ALA B 278 29.17 -3.43 17.35
N ASP B 279 27.84 -3.51 17.50
CA ASP B 279 27.12 -4.76 17.25
C ASP B 279 26.79 -4.93 15.77
N VAL B 280 26.91 -6.12 15.22
CA VAL B 280 26.67 -6.30 13.79
C VAL B 280 25.31 -7.00 13.63
N VAL B 281 24.40 -6.46 12.79
CA VAL B 281 23.22 -7.22 12.35
C VAL B 281 23.54 -7.71 10.94
N ALA B 282 23.65 -9.03 10.75
CA ALA B 282 24.07 -9.59 9.44
C ALA B 282 22.97 -10.45 8.87
N THR B 283 22.69 -10.29 7.58
CA THR B 283 21.74 -11.13 6.90
C THR B 283 22.48 -12.31 6.24
N PHE B 284 22.07 -13.53 6.60
CA PHE B 284 22.66 -14.76 6.10
C PHE B 284 21.60 -15.86 5.84
N SER B 285 21.80 -16.66 4.79
CA SER B 285 21.10 -17.95 4.61
C SER B 285 21.13 -18.85 5.85
N ALA B 286 20.37 -19.95 5.79
CA ALA B 286 20.59 -21.11 6.66
C ALA B 286 21.89 -21.83 6.21
N GLU B 287 22.08 -21.87 4.89
CA GLU B 287 23.28 -22.40 4.24
C GLU B 287 24.57 -21.73 4.73
N GLN B 288 24.54 -20.40 4.78
CA GLN B 288 25.69 -19.56 5.14
C GLN B 288 25.97 -19.56 6.60
N VAL B 289 24.92 -19.65 7.40
CA VAL B 289 25.11 -19.65 8.83
C VAL B 289 25.77 -21.00 9.24
N ALA B 290 25.47 -22.04 8.44
CA ALA B 290 26.09 -23.39 8.56
C ALA B 290 27.55 -23.34 8.12
N GLU B 291 27.76 -22.84 6.90
CA GLU B 291 29.08 -22.68 6.29
C GLU B 291 30.06 -21.84 7.12
N ILE B 292 29.54 -20.94 7.95
CA ILE B 292 30.42 -20.06 8.72
C ILE B 292 30.59 -20.63 10.13
N GLY B 293 29.66 -21.50 10.53
CA GLY B 293 29.72 -22.10 11.87
C GLY B 293 29.67 -21.03 12.93
N ASP B 294 30.21 -21.30 14.13
CA ASP B 294 30.10 -20.39 15.28
C ASP B 294 30.25 -18.92 14.91
N LEU B 295 29.31 -18.09 15.35
CA LEU B 295 29.36 -16.65 15.06
C LEU B 295 30.11 -15.95 16.18
N PRO B 296 30.79 -14.83 15.85
CA PRO B 296 31.36 -13.93 16.86
C PRO B 296 30.31 -13.48 17.86
N ASP B 297 30.74 -12.86 18.94
CA ASP B 297 29.87 -12.55 20.04
C ASP B 297 28.87 -11.49 19.68
N ASN B 298 29.37 -10.42 19.06
CA ASN B 298 28.65 -9.20 18.81
C ASN B 298 27.89 -9.21 17.46
N VAL B 299 27.78 -10.39 16.84
CA VAL B 299 27.03 -10.58 15.58
C VAL B 299 25.66 -11.21 15.78
N ARG B 300 24.58 -10.59 15.32
CA ARG B 300 23.27 -11.27 15.19
C ARG B 300 22.98 -11.66 13.76
N ALA B 301 22.76 -12.92 13.52
CA ALA B 301 22.47 -13.36 12.14
C ALA B 301 20.95 -13.47 11.98
N VAL B 302 20.41 -13.02 10.86
CA VAL B 302 18.97 -12.83 10.72
C VAL B 302 18.73 -13.13 9.24
N ASP B 303 17.69 -13.86 8.86
CA ASP B 303 17.58 -14.15 7.41
C ASP B 303 17.09 -12.90 6.65
N PHE B 304 16.41 -11.98 7.34
CA PHE B 304 15.93 -10.73 6.72
C PHE B 304 15.72 -9.70 7.79
N VAL B 305 16.03 -8.43 7.49
CA VAL B 305 15.64 -7.34 8.40
C VAL B 305 15.08 -6.12 7.66
N PRO B 306 13.97 -5.54 8.15
CA PRO B 306 13.44 -4.24 7.61
C PRO B 306 14.40 -3.05 7.87
N LEU B 307 15.08 -2.61 6.80
CA LEU B 307 16.12 -1.61 6.87
C LEU B 307 15.63 -0.31 7.48
N HIS B 308 14.39 0.07 7.16
CA HIS B 308 13.87 1.32 7.68
C HIS B 308 13.67 1.16 9.15
N ALA B 309 13.51 -0.05 9.72
CA ALA B 309 13.47 -0.10 11.25
C ALA B 309 14.84 -0.14 11.86
N LEU B 310 15.75 -0.80 11.14
CA LEU B 310 17.16 -0.97 11.57
C LEU B 310 18.02 0.29 11.36
N LEU B 311 18.05 0.83 10.15
CA LEU B 311 19.05 1.85 9.84
C LEU B 311 19.08 3.10 10.73
N PRO B 312 17.92 3.58 11.27
CA PRO B 312 17.99 4.77 12.19
C PRO B 312 18.96 4.62 13.38
N SER B 313 19.25 3.40 13.77
CA SER B 313 20.20 3.16 14.83
C SER B 313 21.60 2.69 14.35
N CYS B 314 21.93 2.77 13.04
CA CYS B 314 23.19 2.15 12.57
C CYS B 314 24.23 3.18 12.25
N ALA B 315 25.48 2.94 12.61
CA ALA B 315 26.57 3.84 12.21
C ALA B 315 27.05 3.52 10.79
N ALA B 316 26.75 2.33 10.27
CA ALA B 316 27.23 2.00 8.92
C ALA B 316 26.42 0.88 8.30
N ILE B 317 26.41 0.80 6.97
CA ILE B 317 25.84 -0.39 6.33
C ILE B 317 26.83 -0.81 5.28
N VAL B 318 27.07 -2.10 5.23
CA VAL B 318 28.01 -2.74 4.29
C VAL B 318 27.15 -3.48 3.32
N HIS B 319 27.25 -3.17 2.02
CA HIS B 319 26.32 -3.83 1.09
C HIS B 319 26.85 -3.79 -0.36
N HIS B 320 26.11 -4.39 -1.30
CA HIS B 320 26.63 -4.48 -2.67
C HIS B 320 26.30 -3.31 -3.60
N GLY B 321 25.72 -2.24 -3.03
CA GLY B 321 25.54 -0.99 -3.76
C GLY B 321 24.27 -0.87 -4.64
N GLY B 322 23.34 -1.82 -4.49
CA GLY B 322 22.06 -1.81 -5.26
C GLY B 322 21.16 -0.64 -4.81
N GLY B 323 20.18 -0.30 -5.64
CA GLY B 323 19.37 0.91 -5.42
C GLY B 323 18.52 0.92 -4.20
N GLY B 324 17.92 -0.24 -3.87
CA GLY B 324 16.96 -0.26 -2.72
C GLY B 324 17.73 0.03 -1.46
N THR B 325 18.86 -0.65 -1.31
CA THR B 325 19.65 -0.50 -0.08
C THR B 325 20.34 0.83 0.03
N ARG B 326 20.89 1.32 -1.07
CA ARG B 326 21.53 2.62 -1.02
C ARG B 326 20.52 3.78 -0.85
N THR B 327 19.29 3.61 -1.34
CA THR B 327 18.29 4.64 -1.11
C THR B 327 17.93 4.67 0.35
N ASN B 328 17.92 3.51 1.03
CA ASN B 328 17.71 3.50 2.47
C ASN B 328 18.89 4.20 3.23
N ALA B 329 20.13 4.00 2.76
CA ALA B 329 21.26 4.67 3.45
C ALA B 329 21.18 6.19 3.18
N ILE B 330 20.72 6.55 1.99
CA ILE B 330 20.49 7.99 1.68
C ILE B 330 19.46 8.58 2.63
N ARG B 331 18.29 7.91 2.72
CA ARG B 331 17.17 8.44 3.47
C ARG B 331 17.47 8.53 4.99
N TYR B 332 18.19 7.54 5.52
CA TYR B 332 18.53 7.52 6.94
C TYR B 332 19.93 8.16 7.22
N GLY B 333 20.63 8.64 6.20
CA GLY B 333 21.91 9.41 6.43
C GLY B 333 23.03 8.51 6.98
N VAL B 334 23.18 7.32 6.39
CA VAL B 334 24.04 6.30 7.03
C VAL B 334 25.24 6.08 6.12
N PRO B 335 26.47 6.18 6.67
CA PRO B 335 27.64 5.87 5.85
C PRO B 335 27.63 4.43 5.34
N GLN B 336 28.30 4.23 4.21
CA GLN B 336 28.25 3.00 3.46
C GLN B 336 29.64 2.39 3.28
N LEU B 337 29.71 1.06 3.37
CA LEU B 337 30.82 0.36 2.79
C LEU B 337 30.25 -0.46 1.65
N ILE B 338 30.67 -0.14 0.45
CA ILE B 338 30.08 -0.70 -0.78
C ILE B 338 31.05 -1.68 -1.36
N VAL B 339 30.59 -2.89 -1.57
CA VAL B 339 31.34 -3.86 -2.33
C VAL B 339 30.56 -4.05 -3.66
N PRO B 340 30.88 -3.25 -4.71
CA PRO B 340 29.88 -3.19 -5.82
C PRO B 340 29.69 -4.49 -6.57
N ASN B 341 28.44 -4.79 -6.85
CA ASN B 341 28.13 -5.81 -7.75
C ASN B 341 28.18 -5.15 -9.14
N TRP B 342 27.86 -5.86 -10.20
CA TRP B 342 27.88 -5.20 -11.50
C TRP B 342 26.59 -5.52 -12.21
N LEU B 343 25.49 -5.68 -11.50
CA LEU B 343 24.23 -5.97 -12.18
C LEU B 343 23.68 -4.76 -12.96
N TRP B 344 23.97 -3.55 -12.53
CA TRP B 344 23.34 -2.39 -13.21
C TRP B 344 24.23 -1.15 -13.19
N ASP B 345 24.41 -0.56 -12.02
CA ASP B 345 25.09 0.73 -11.87
C ASP B 345 25.87 0.82 -10.58
N GLU B 346 26.07 -0.31 -9.91
CA GLU B 346 26.57 -0.26 -8.56
C GLU B 346 27.99 0.31 -8.50
N GLY B 347 28.83 0.01 -9.48
CA GLY B 347 30.26 0.43 -9.49
C GLY B 347 30.32 1.97 -9.58
N TYR B 348 29.52 2.49 -10.49
CA TYR B 348 29.57 3.87 -10.86
C TYR B 348 28.95 4.72 -9.76
N VAL B 349 27.83 4.28 -9.20
CA VAL B 349 27.22 4.99 -8.08
C VAL B 349 28.11 4.88 -6.83
N ALA B 350 28.78 3.72 -6.65
CA ALA B 350 29.67 3.60 -5.49
C ALA B 350 30.74 4.73 -5.47
N GLU B 351 31.30 5.02 -6.65
CA GLU B 351 32.36 6.04 -6.74
C GLU B 351 31.82 7.40 -6.46
N ARG B 352 30.58 7.68 -6.93
CA ARG B 352 29.91 8.95 -6.62
C ARG B 352 29.77 9.20 -5.09
N PHE B 353 29.36 8.19 -4.34
CA PHE B 353 29.25 8.30 -2.90
C PHE B 353 30.65 8.49 -2.27
N ALA B 354 31.63 7.75 -2.79
CA ALA B 354 33.00 7.80 -2.26
C ALA B 354 33.56 9.23 -2.41
N GLU B 355 33.26 9.87 -3.56
CA GLU B 355 33.75 11.23 -3.83
C GLU B 355 33.16 12.29 -2.93
N ARG B 356 32.01 12.03 -2.33
CA ARG B 356 31.36 12.96 -1.46
C ARG B 356 31.76 12.68 0.01
N GLY B 357 32.57 11.66 0.19
CA GLY B 357 33.07 11.34 1.50
C GLY B 357 32.10 10.54 2.31
N ALA B 358 31.05 10.00 1.67
CA ALA B 358 29.92 9.31 2.35
C ALA B 358 30.10 7.80 2.41
N ALA B 359 31.09 7.29 1.70
CA ALA B 359 31.25 5.87 1.58
C ALA B 359 32.74 5.49 1.38
N LEU B 360 33.09 4.24 1.68
CA LEU B 360 34.35 3.67 1.28
C LEU B 360 34.03 2.48 0.39
N VAL B 361 34.84 2.22 -0.62
CA VAL B 361 34.54 1.16 -1.58
C VAL B 361 35.64 0.10 -1.58
N THR B 362 35.28 -1.18 -1.57
CA THR B 362 36.23 -2.23 -1.98
C THR B 362 35.73 -3.04 -3.14
N GLU B 363 36.39 -2.97 -4.29
CA GLU B 363 35.93 -3.81 -5.42
C GLU B 363 36.06 -5.27 -5.10
N VAL B 364 35.23 -6.08 -5.73
CA VAL B 364 35.30 -7.52 -5.55
C VAL B 364 36.76 -8.07 -5.68
N PRO B 365 37.44 -7.88 -6.84
CA PRO B 365 38.85 -8.36 -6.92
C PRO B 365 39.83 -7.90 -5.80
N ASP B 366 39.53 -6.85 -5.03
CA ASP B 366 40.38 -6.34 -3.90
C ASP B 366 39.88 -6.72 -2.51
N LEU B 367 38.93 -7.63 -2.46
CA LEU B 367 38.27 -7.96 -1.24
C LEU B 367 39.21 -8.79 -0.37
N THR B 368 39.60 -8.28 0.80
CA THR B 368 40.18 -9.12 1.86
C THR B 368 39.40 -8.88 3.16
N PRO B 369 39.45 -9.85 4.11
CA PRO B 369 38.75 -9.58 5.40
C PRO B 369 39.30 -8.32 6.08
N ASP B 370 40.62 -8.20 6.03
CA ASP B 370 41.29 -7.10 6.66
C ASP B 370 40.93 -5.74 6.07
N ARG B 371 40.87 -5.68 4.73
CA ARG B 371 40.40 -4.48 4.02
C ARG B 371 38.99 -4.06 4.39
N LEU B 372 38.05 -4.98 4.45
CA LEU B 372 36.67 -4.63 4.91
C LEU B 372 36.65 -4.11 6.33
N ARG B 373 37.31 -4.84 7.24
CA ARG B 373 37.31 -4.45 8.64
C ARG B 373 37.87 -3.04 8.81
N ASP B 374 39.02 -2.80 8.15
CA ASP B 374 39.69 -1.49 8.27
C ASP B 374 38.78 -0.38 7.77
N GLN B 375 38.16 -0.59 6.61
CA GLN B 375 37.20 0.42 6.10
C GLN B 375 36.04 0.65 7.09
N LEU B 376 35.46 -0.44 7.60
CA LEU B 376 34.37 -0.35 8.55
C LEU B 376 34.76 0.41 9.80
N ARG B 377 35.98 0.14 10.30
CA ARG B 377 36.51 0.81 11.44
C ARG B 377 36.61 2.31 11.16
N ARG B 378 37.04 2.72 9.97
CA ARG B 378 37.04 4.16 9.63
C ARG B 378 35.68 4.83 9.63
N LEU B 379 34.71 4.16 9.03
CA LEU B 379 33.31 4.66 8.99
C LEU B 379 32.75 4.93 10.37
N ILE B 380 33.07 4.01 11.28
CA ILE B 380 32.73 4.05 12.70
C ILE B 380 33.49 5.19 13.39
N ALA B 381 34.77 5.36 13.05
CA ALA B 381 35.68 6.25 13.84
C ALA B 381 35.75 7.68 13.35
N GLU B 382 35.79 7.89 12.05
CA GLU B 382 35.95 9.26 11.56
C GLU B 382 34.63 9.91 11.20
N PRO B 383 34.23 10.94 11.97
CA PRO B 383 32.89 11.51 11.79
C PRO B 383 32.69 12.30 10.49
N SER B 384 33.71 12.36 9.63
CA SER B 384 33.52 12.98 8.35
C SER B 384 32.49 12.20 7.46
N PHE B 385 32.57 10.86 7.47
CA PHE B 385 31.63 9.98 6.77
C PHE B 385 30.18 10.19 7.17
N LYS B 386 29.93 10.22 8.48
CA LYS B 386 28.61 10.58 8.95
C LYS B 386 28.16 11.95 8.41
N ALA B 387 29.03 12.98 8.47
CA ALA B 387 28.64 14.34 8.02
C ALA B 387 28.25 14.35 6.53
N ALA B 388 29.08 13.73 5.72
CA ALA B 388 28.83 13.61 4.31
C ALA B 388 27.49 12.83 4.02
N ALA B 389 27.24 11.76 4.79
CA ALA B 389 26.01 10.95 4.64
C ALA B 389 24.78 11.81 4.98
N GLU B 390 24.94 12.60 6.03
CA GLU B 390 23.87 13.54 6.43
C GLU B 390 23.62 14.65 5.42
N GLN B 391 24.67 15.13 4.78
CA GLN B 391 24.54 16.16 3.78
C GLN B 391 23.73 15.59 2.61
N ILE B 392 24.14 14.40 2.18
CA ILE B 392 23.38 13.66 1.17
C ILE B 392 21.88 13.53 1.53
N GLN B 393 21.60 13.23 2.80
CA GLN B 393 20.24 13.03 3.30
C GLN B 393 19.44 14.31 3.22
N LYS B 394 20.07 15.43 3.62
CA LYS B 394 19.49 16.78 3.48
C LYS B 394 19.05 17.11 2.04
N GLU B 395 19.90 16.91 1.05
CA GLU B 395 19.59 17.14 -0.34
C GLU B 395 18.51 16.18 -0.91
N TYR B 396 18.47 14.97 -0.36
CA TYR B 396 17.41 14.03 -0.73
C TYR B 396 16.07 14.50 -0.12
N ASP B 397 16.08 14.87 1.15
CA ASP B 397 14.81 15.34 1.80
C ASP B 397 14.12 16.46 1.04
N ALA B 398 14.91 17.22 0.30
CA ALA B 398 14.50 18.43 -0.44
C ALA B 398 14.09 18.10 -1.84
N LEU B 399 14.23 16.83 -2.27
CA LEU B 399 13.69 16.48 -3.59
C LEU B 399 12.16 16.45 -3.66
N PRO B 400 11.58 16.41 -4.86
CA PRO B 400 10.13 16.53 -4.78
C PRO B 400 9.43 15.31 -4.13
N SER B 401 8.53 15.61 -3.21
CA SER B 401 7.81 14.66 -2.43
C SER B 401 7.01 13.78 -3.38
N LEU B 402 6.50 12.64 -2.90
CA LEU B 402 5.64 11.86 -3.81
C LEU B 402 4.34 12.59 -4.22
N THR B 403 3.72 13.32 -3.29
CA THR B 403 2.54 14.14 -3.60
C THR B 403 2.84 15.17 -4.74
N GLU B 404 3.91 15.97 -4.62
CA GLU B 404 4.37 16.81 -5.74
C GLU B 404 4.57 16.03 -7.06
N THR B 405 5.06 14.79 -6.94
CA THR B 405 5.32 13.98 -8.15
C THR B 405 4.04 13.50 -8.80
N VAL B 406 3.07 13.11 -7.98
CA VAL B 406 1.75 12.79 -8.51
C VAL B 406 1.26 14.06 -9.27
N GLY B 407 1.53 15.24 -8.73
CA GLY B 407 1.06 16.48 -9.36
C GLY B 407 1.70 16.66 -10.71
N GLU B 408 2.99 16.31 -10.85
CA GLU B 408 3.61 16.31 -12.19
C GLU B 408 3.05 15.27 -13.10
N LEU B 409 2.71 14.11 -12.54
CA LEU B 409 2.25 13.05 -13.40
C LEU B 409 0.85 13.43 -13.96
N VAL B 410 0.06 14.13 -13.15
CA VAL B 410 -1.26 14.62 -13.60
C VAL B 410 -0.99 15.67 -14.69
N ARG B 411 0.06 16.52 -14.55
CA ARG B 411 0.36 17.49 -15.63
C ARG B 411 0.81 16.78 -16.88
N VAL B 412 1.48 15.62 -16.76
CA VAL B 412 1.84 14.82 -17.96
C VAL B 412 0.60 14.31 -18.62
N ALA B 413 -0.34 13.75 -17.84
CA ALA B 413 -1.48 13.15 -18.54
C ALA B 413 -2.36 14.28 -19.12
N GLU B 414 -2.39 15.43 -18.45
CA GLU B 414 -3.26 16.53 -18.94
C GLU B 414 -2.68 17.22 -20.18
N ARG B 415 -1.38 17.49 -20.13
CA ARG B 415 -0.56 18.12 -21.19
C ARG B 415 -0.54 17.17 -22.37
N GLY B 416 -0.47 15.88 -22.05
CA GLY B 416 -0.66 14.79 -23.05
C GLY B 416 -2.06 14.60 -23.59
N ARG B 417 -2.94 15.61 -23.41
CA ARG B 417 -4.33 15.52 -23.97
C ARG B 417 -4.87 16.82 -24.67
N SER B 418 -5.88 16.63 -25.53
CA SER B 418 -6.28 17.61 -26.57
C SER B 418 -7.74 18.09 -26.42
#